data_2JW2
#
_entry.id   2JW2
#
_entity_poly.entity_id   1
_entity_poly.type   'polypeptide(L)'
_entity_poly.pdbx_seq_one_letter_code
;MHHHHHHSSGLVPRGSQEIEAKEACDWLRAAGFPQYAQLYEDSQFPINIVAVKNDHDFLEKDLVEPLCRRLNTLNKCASM
K
;
_entity_poly.pdbx_strand_id   A
#
# COMPACT_ATOMS: atom_id res chain seq x y z
N MET A 1 29.11 0.84 -24.94
CA MET A 1 27.65 0.65 -24.66
C MET A 1 26.84 1.07 -25.88
N HIS A 2 26.39 0.10 -26.66
CA HIS A 2 25.60 0.38 -27.84
C HIS A 2 24.24 0.97 -27.47
N HIS A 3 23.56 1.55 -28.44
CA HIS A 3 22.25 2.15 -28.19
C HIS A 3 21.24 1.09 -27.77
N HIS A 4 21.57 -0.17 -28.06
CA HIS A 4 20.68 -1.27 -27.70
C HIS A 4 20.88 -1.67 -26.25
N HIS A 5 20.62 -0.74 -25.34
CA HIS A 5 20.77 -1.00 -23.92
C HIS A 5 19.68 -0.28 -23.12
N HIS A 6 18.82 -1.06 -22.47
CA HIS A 6 17.74 -0.49 -21.68
C HIS A 6 17.08 -1.57 -20.82
N HIS A 7 16.17 -1.14 -19.95
CA HIS A 7 15.47 -2.08 -19.08
C HIS A 7 13.98 -1.72 -18.99
N SER A 8 13.16 -2.42 -19.75
CA SER A 8 11.73 -2.17 -19.76
C SER A 8 11.03 -3.05 -18.73
N SER A 9 9.79 -2.70 -18.39
CA SER A 9 9.02 -3.46 -17.42
C SER A 9 7.53 -3.28 -17.66
N GLY A 10 6.86 -4.37 -18.03
CA GLY A 10 5.42 -4.32 -18.28
C GLY A 10 4.66 -3.96 -17.02
N LEU A 11 3.34 -4.15 -17.05
CA LEU A 11 2.50 -3.84 -15.90
C LEU A 11 1.25 -4.70 -15.90
N VAL A 12 1.03 -5.42 -14.80
CA VAL A 12 -0.14 -6.28 -14.69
C VAL A 12 -0.82 -6.09 -13.33
N PRO A 13 -1.43 -4.95 -13.13
CA PRO A 13 -2.13 -4.64 -11.85
C PRO A 13 -3.51 -5.27 -11.77
N ARG A 14 -4.39 -4.86 -12.68
CA ARG A 14 -5.75 -5.40 -12.70
C ARG A 14 -5.73 -6.92 -12.74
N GLY A 15 -5.86 -7.55 -11.59
CA GLY A 15 -5.85 -8.99 -11.49
C GLY A 15 -5.70 -9.46 -10.05
N SER A 16 -4.46 -9.44 -9.55
CA SER A 16 -4.19 -9.85 -8.18
C SER A 16 -4.62 -8.76 -7.20
N GLN A 17 -5.03 -7.62 -7.73
CA GLN A 17 -5.44 -6.50 -6.90
C GLN A 17 -6.29 -6.99 -5.73
N GLU A 18 -6.99 -8.11 -5.94
CA GLU A 18 -7.83 -8.68 -4.90
C GLU A 18 -6.97 -9.17 -3.73
N ILE A 19 -6.15 -10.17 -3.99
CA ILE A 19 -5.28 -10.71 -2.95
C ILE A 19 -4.32 -9.63 -2.46
N GLU A 20 -3.95 -8.74 -3.35
CA GLU A 20 -3.05 -7.64 -3.00
C GLU A 20 -3.73 -6.69 -2.03
N ALA A 21 -5.01 -6.46 -2.25
CA ALA A 21 -5.77 -5.56 -1.39
C ALA A 21 -5.81 -6.08 0.04
N LYS A 22 -6.39 -7.26 0.22
CA LYS A 22 -6.48 -7.86 1.56
C LYS A 22 -5.11 -7.90 2.22
N GLU A 23 -4.06 -8.15 1.44
CA GLU A 23 -2.72 -8.21 1.98
C GLU A 23 -2.26 -6.79 2.31
N ALA A 24 -2.34 -5.92 1.32
CA ALA A 24 -1.93 -4.53 1.48
C ALA A 24 -2.31 -4.01 2.86
N CYS A 25 -3.57 -4.21 3.24
CA CYS A 25 -4.05 -3.75 4.55
C CYS A 25 -3.53 -4.64 5.67
N ASP A 26 -3.41 -5.93 5.40
CA ASP A 26 -2.93 -6.87 6.40
C ASP A 26 -1.41 -6.82 6.50
N TRP A 27 -0.79 -6.14 5.55
CA TRP A 27 0.66 -6.01 5.53
C TRP A 27 1.11 -4.78 6.32
N LEU A 28 0.38 -3.68 6.16
CA LEU A 28 0.71 -2.45 6.86
C LEU A 28 0.81 -2.72 8.36
N ARG A 29 0.00 -3.64 8.85
CA ARG A 29 0.00 -3.98 10.26
C ARG A 29 1.23 -4.84 10.59
N ALA A 30 1.63 -5.67 9.62
CA ALA A 30 2.78 -6.55 9.81
C ALA A 30 4.07 -5.77 9.56
N ALA A 31 3.97 -4.71 8.76
CA ALA A 31 5.13 -3.89 8.44
C ALA A 31 5.56 -3.07 9.65
N GLY A 32 4.57 -2.63 10.42
CA GLY A 32 4.84 -1.83 11.62
C GLY A 32 4.04 -0.53 11.60
N PHE A 33 3.00 -0.49 10.77
CA PHE A 33 2.17 0.71 10.69
C PHE A 33 0.70 0.34 10.52
N PRO A 34 0.08 -0.17 11.55
CA PRO A 34 -1.36 -0.58 11.52
C PRO A 34 -2.28 0.64 11.46
N GLN A 35 -1.69 1.82 11.63
CA GLN A 35 -2.46 3.06 11.61
C GLN A 35 -2.99 3.34 10.21
N TYR A 36 -2.20 3.00 9.19
CA TYR A 36 -2.61 3.23 7.82
C TYR A 36 -3.78 2.32 7.44
N ALA A 37 -3.58 1.01 7.53
CA ALA A 37 -4.62 0.06 7.19
C ALA A 37 -5.96 0.48 7.79
N GLN A 38 -5.93 0.85 9.07
CA GLN A 38 -7.15 1.28 9.75
C GLN A 38 -7.98 2.18 8.84
N LEU A 39 -7.31 2.87 7.92
CA LEU A 39 -8.01 3.76 7.00
C LEU A 39 -8.76 2.97 5.93
N TYR A 40 -8.18 1.84 5.52
CA TYR A 40 -8.82 1.01 4.51
C TYR A 40 -10.28 0.77 4.86
N GLU A 41 -10.51 0.23 6.05
CA GLU A 41 -11.87 -0.04 6.51
C GLU A 41 -12.71 1.23 6.46
N ASP A 42 -12.05 2.38 6.53
CA ASP A 42 -12.75 3.66 6.48
C ASP A 42 -12.92 4.13 5.05
N SER A 43 -12.09 3.59 4.15
CA SER A 43 -12.15 3.95 2.74
C SER A 43 -11.41 5.25 2.47
N GLN A 44 -10.72 5.76 3.48
CA GLN A 44 -9.97 7.00 3.33
C GLN A 44 -8.57 6.71 2.81
N PHE A 45 -8.41 5.57 2.16
CA PHE A 45 -7.12 5.17 1.63
C PHE A 45 -6.64 6.10 0.52
N PRO A 46 -7.42 6.34 -0.50
CA PRO A 46 -6.97 7.24 -1.59
C PRO A 46 -6.80 8.67 -1.10
N ILE A 47 -5.54 9.11 -1.12
CA ILE A 47 -5.18 10.46 -0.69
C ILE A 47 -3.74 10.73 -1.09
N ASN A 48 -3.25 11.92 -0.77
CA ASN A 48 -1.87 12.28 -1.09
C ASN A 48 -0.90 11.25 -0.52
N ILE A 49 -0.69 10.16 -1.26
CA ILE A 49 0.21 9.10 -0.81
C ILE A 49 1.59 9.67 -0.46
N VAL A 50 2.24 10.27 -1.44
CA VAL A 50 3.57 10.83 -1.23
C VAL A 50 3.65 11.63 0.07
N ALA A 51 2.64 12.45 0.33
CA ALA A 51 2.63 13.28 1.53
C ALA A 51 2.41 12.42 2.76
N VAL A 52 1.87 11.25 2.52
CA VAL A 52 1.59 10.33 3.61
C VAL A 52 2.86 9.57 3.97
N LYS A 53 3.50 8.94 2.99
CA LYS A 53 4.73 8.21 3.24
C LYS A 53 5.70 9.08 4.03
N ASN A 54 5.49 10.39 3.93
CA ASN A 54 6.33 11.34 4.64
C ASN A 54 5.69 11.74 5.96
N ASP A 55 4.37 11.91 5.92
CA ASP A 55 3.61 12.30 7.12
C ASP A 55 4.10 11.55 8.35
N HIS A 56 3.86 10.23 8.38
CA HIS A 56 4.26 9.41 9.51
C HIS A 56 5.38 8.45 9.11
N ASP A 57 5.08 7.53 8.20
CA ASP A 57 6.06 6.55 7.75
C ASP A 57 7.45 7.17 7.63
N PHE A 58 8.30 6.89 8.61
CA PHE A 58 9.66 7.43 8.59
C PHE A 58 10.64 6.38 9.13
N LEU A 59 10.12 5.19 9.41
CA LEU A 59 10.96 4.11 9.93
C LEU A 59 11.48 3.24 8.79
N GLU A 60 12.80 3.18 8.64
CA GLU A 60 13.43 2.38 7.60
C GLU A 60 12.93 2.79 6.22
N LYS A 61 13.87 3.08 5.32
CA LYS A 61 13.52 3.48 3.96
C LYS A 61 12.98 2.29 3.18
N ASP A 62 13.44 1.09 3.53
CA ASP A 62 12.98 -0.12 2.86
C ASP A 62 11.53 -0.40 3.20
N LEU A 63 11.03 0.26 4.23
CA LEU A 63 9.65 0.08 4.66
C LEU A 63 8.77 1.19 4.09
N VAL A 64 9.41 2.21 3.54
CA VAL A 64 8.68 3.34 2.95
C VAL A 64 8.30 3.03 1.51
N GLU A 65 9.20 2.35 0.80
CA GLU A 65 8.94 1.99 -0.58
C GLU A 65 7.71 1.09 -0.71
N PRO A 66 7.76 -0.09 -0.14
CA PRO A 66 6.60 -1.03 -0.19
C PRO A 66 5.31 -0.38 0.28
N LEU A 67 5.44 0.59 1.19
CA LEU A 67 4.27 1.29 1.71
C LEU A 67 3.55 2.02 0.59
N CYS A 68 4.31 2.50 -0.40
CA CYS A 68 3.73 3.20 -1.53
C CYS A 68 3.06 2.23 -2.48
N ARG A 69 3.43 0.95 -2.38
CA ARG A 69 2.85 -0.08 -3.23
C ARG A 69 1.47 -0.47 -2.73
N ARG A 70 1.40 -0.84 -1.46
CA ARG A 70 0.13 -1.24 -0.87
C ARG A 70 -0.86 -0.08 -0.93
N LEU A 71 -0.45 1.08 -0.42
CA LEU A 71 -1.32 2.25 -0.43
C LEU A 71 -1.80 2.52 -1.86
N ASN A 72 -0.87 2.59 -2.79
CA ASN A 72 -1.22 2.84 -4.19
C ASN A 72 -2.12 1.73 -4.72
N THR A 73 -1.95 0.52 -4.18
CA THR A 73 -2.76 -0.61 -4.62
C THR A 73 -4.19 -0.48 -4.10
N LEU A 74 -4.34 -0.40 -2.78
CA LEU A 74 -5.66 -0.28 -2.18
C LEU A 74 -6.32 1.01 -2.62
N ASN A 75 -5.54 2.10 -2.65
CA ASN A 75 -6.09 3.39 -3.06
C ASN A 75 -6.95 3.23 -4.31
N LYS A 76 -6.69 2.17 -5.07
CA LYS A 76 -7.45 1.91 -6.30
C LYS A 76 -8.61 0.97 -6.01
N CYS A 77 -8.36 -0.06 -5.23
CA CYS A 77 -9.41 -1.03 -4.88
C CYS A 77 -10.34 -0.46 -3.81
N ALA A 78 -9.93 0.64 -3.20
CA ALA A 78 -10.74 1.27 -2.17
C ALA A 78 -11.77 2.21 -2.77
N SER A 79 -11.94 2.13 -4.09
CA SER A 79 -12.89 2.98 -4.80
C SER A 79 -14.22 2.26 -4.97
N MET A 80 -14.22 0.95 -4.73
CA MET A 80 -15.44 0.15 -4.86
C MET A 80 -16.08 0.38 -6.21
N LYS A 81 -15.30 0.94 -7.15
CA LYS A 81 -15.81 1.20 -8.49
C LYS A 81 -17.12 1.98 -8.42
N MET A 1 5.02 21.41 -37.54
CA MET A 1 5.16 20.66 -38.82
C MET A 1 5.81 19.31 -38.55
N HIS A 2 6.63 19.26 -37.51
CA HIS A 2 7.32 18.02 -37.15
C HIS A 2 6.40 17.12 -36.33
N HIS A 3 6.10 15.93 -36.86
CA HIS A 3 5.23 14.99 -36.17
C HIS A 3 5.92 14.47 -34.92
N HIS A 4 5.12 13.89 -34.02
CA HIS A 4 5.65 13.34 -32.78
C HIS A 4 5.82 11.83 -32.88
N HIS A 5 6.82 11.30 -32.19
CA HIS A 5 7.07 9.86 -32.22
C HIS A 5 8.04 9.47 -31.11
N HIS A 6 8.24 10.38 -30.16
CA HIS A 6 9.15 10.11 -29.05
C HIS A 6 8.51 9.17 -28.04
N HIS A 7 7.59 8.34 -28.52
CA HIS A 7 6.90 7.39 -27.65
C HIS A 7 6.30 8.10 -26.45
N SER A 8 5.85 7.33 -25.46
CA SER A 8 5.25 7.91 -24.27
C SER A 8 5.33 6.92 -23.11
N SER A 9 4.29 6.90 -22.28
CA SER A 9 4.25 6.01 -21.13
C SER A 9 2.85 5.97 -20.51
N GLY A 10 2.31 4.76 -20.37
CA GLY A 10 0.98 4.61 -19.79
C GLY A 10 0.52 3.16 -19.87
N LEU A 11 0.50 2.50 -18.71
CA LEU A 11 0.09 1.10 -18.66
C LEU A 11 -0.34 0.72 -17.24
N VAL A 12 -1.61 0.33 -17.09
CA VAL A 12 -2.13 -0.05 -15.78
C VAL A 12 -2.93 -1.35 -15.89
N PRO A 13 -2.26 -2.45 -16.07
CA PRO A 13 -2.91 -3.78 -16.19
C PRO A 13 -3.27 -4.38 -14.83
N ARG A 14 -4.19 -5.33 -14.83
CA ARG A 14 -4.62 -5.98 -13.60
C ARG A 14 -3.45 -6.74 -12.96
N GLY A 15 -3.78 -7.82 -12.26
CA GLY A 15 -2.75 -8.63 -11.60
C GLY A 15 -3.18 -9.02 -10.19
N SER A 16 -2.22 -9.06 -9.28
CA SER A 16 -2.50 -9.42 -7.89
C SER A 16 -3.14 -8.24 -7.16
N GLN A 17 -3.48 -7.21 -7.90
CA GLN A 17 -4.10 -6.01 -7.33
C GLN A 17 -5.12 -6.40 -6.26
N GLU A 18 -5.76 -7.55 -6.46
CA GLU A 18 -6.75 -8.04 -5.52
C GLU A 18 -6.09 -8.49 -4.22
N ILE A 19 -5.37 -9.61 -4.29
CA ILE A 19 -4.69 -10.14 -3.12
C ILE A 19 -3.85 -9.05 -2.46
N GLU A 20 -3.55 -8.00 -3.22
CA GLU A 20 -2.75 -6.90 -2.69
C GLU A 20 -3.57 -6.09 -1.69
N ALA A 21 -4.89 -6.09 -1.87
CA ALA A 21 -5.76 -5.35 -0.96
C ALA A 21 -5.77 -5.99 0.41
N LYS A 22 -6.30 -7.21 0.50
CA LYS A 22 -6.37 -7.91 1.77
C LYS A 22 -4.98 -7.95 2.41
N GLU A 23 -3.95 -8.07 1.59
CA GLU A 23 -2.59 -8.10 2.09
C GLU A 23 -2.19 -6.71 2.54
N ALA A 24 -2.32 -5.75 1.63
CA ALA A 24 -1.98 -4.37 1.91
C ALA A 24 -2.38 -3.98 3.34
N CYS A 25 -3.65 -4.22 3.68
CA CYS A 25 -4.14 -3.89 5.01
C CYS A 25 -3.55 -4.82 6.07
N ASP A 26 -3.36 -6.08 5.71
CA ASP A 26 -2.80 -7.06 6.64
C ASP A 26 -1.29 -6.94 6.71
N TRP A 27 -0.72 -6.17 5.78
CA TRP A 27 0.71 -5.96 5.72
C TRP A 27 1.11 -4.71 6.50
N LEU A 28 0.39 -3.62 6.25
CA LEU A 28 0.67 -2.38 6.94
C LEU A 28 0.85 -2.61 8.43
N ARG A 29 0.27 -3.71 8.91
CA ARG A 29 0.36 -4.06 10.33
C ARG A 29 1.64 -4.86 10.58
N ALA A 30 2.10 -5.58 9.58
CA ALA A 30 3.32 -6.38 9.71
C ALA A 30 4.55 -5.48 9.60
N ALA A 31 4.33 -4.25 9.18
CA ALA A 31 5.43 -3.30 9.03
C ALA A 31 5.51 -2.39 10.24
N GLY A 32 4.45 -2.39 11.05
CA GLY A 32 4.42 -1.56 12.25
C GLY A 32 3.66 -0.26 12.00
N PHE A 33 2.88 -0.23 10.92
CA PHE A 33 2.11 0.95 10.57
C PHE A 33 0.65 0.58 10.30
N PRO A 34 -0.01 -0.03 11.25
CA PRO A 34 -1.42 -0.44 11.11
C PRO A 34 -2.37 0.75 11.05
N GLN A 35 -1.84 1.93 11.38
CA GLN A 35 -2.66 3.14 11.36
C GLN A 35 -3.18 3.41 9.95
N TYR A 36 -2.64 2.69 8.98
CA TYR A 36 -3.07 2.86 7.60
C TYR A 36 -4.30 2.01 7.31
N ALA A 37 -4.12 0.69 7.34
CA ALA A 37 -5.23 -0.24 7.09
C ALA A 37 -6.52 0.30 7.68
N GLN A 38 -6.43 0.83 8.90
CA GLN A 38 -7.60 1.39 9.56
C GLN A 38 -8.41 2.23 8.59
N LEU A 39 -7.72 3.03 7.79
CA LEU A 39 -8.38 3.89 6.81
C LEU A 39 -9.28 3.06 5.89
N TYR A 40 -8.84 1.84 5.58
CA TYR A 40 -9.61 0.97 4.72
C TYR A 40 -11.07 0.90 5.19
N GLU A 41 -11.26 0.43 6.41
CA GLU A 41 -12.60 0.33 6.96
C GLU A 41 -13.41 1.58 6.64
N ASP A 42 -12.74 2.73 6.63
CA ASP A 42 -13.41 3.99 6.35
C ASP A 42 -13.49 4.22 4.84
N SER A 43 -12.58 3.60 4.10
CA SER A 43 -12.55 3.73 2.65
C SER A 43 -11.89 5.04 2.23
N GLN A 44 -11.10 5.61 3.13
CA GLN A 44 -10.40 6.86 2.85
C GLN A 44 -8.94 6.59 2.52
N PHE A 45 -8.69 5.46 1.88
CA PHE A 45 -7.33 5.08 1.53
C PHE A 45 -6.80 5.95 0.41
N PRO A 46 -7.59 6.23 -0.59
CA PRO A 46 -7.13 7.09 -1.72
C PRO A 46 -6.83 8.49 -1.23
N ILE A 47 -5.56 8.86 -1.33
CA ILE A 47 -5.09 10.19 -0.92
C ILE A 47 -3.66 10.39 -1.39
N ASN A 48 -3.11 11.57 -1.10
CA ASN A 48 -1.73 11.86 -1.49
C ASN A 48 -0.77 10.92 -0.77
N ILE A 49 -0.40 9.84 -1.45
CA ILE A 49 0.51 8.85 -0.86
C ILE A 49 1.79 9.52 -0.37
N VAL A 50 2.56 10.07 -1.29
CA VAL A 50 3.81 10.72 -0.94
C VAL A 50 3.70 11.48 0.38
N ALA A 51 2.61 12.24 0.52
CA ALA A 51 2.38 13.02 1.73
C ALA A 51 2.39 12.18 2.99
N VAL A 52 1.96 10.92 2.89
CA VAL A 52 1.95 10.05 4.07
C VAL A 52 3.31 9.41 4.28
N LYS A 53 3.96 9.05 3.17
CA LYS A 53 5.28 8.43 3.25
C LYS A 53 6.27 9.39 3.90
N ASN A 54 6.08 10.68 3.64
CA ASN A 54 6.94 11.71 4.20
C ASN A 54 6.44 12.11 5.58
N ASP A 55 5.19 12.53 5.65
CA ASP A 55 4.60 12.95 6.92
C ASP A 55 4.86 11.90 8.00
N HIS A 56 4.23 10.75 7.85
CA HIS A 56 4.39 9.67 8.82
C HIS A 56 5.84 9.22 8.87
N ASP A 57 6.31 8.61 7.79
CA ASP A 57 7.69 8.14 7.71
C ASP A 57 7.99 7.17 8.85
N PHE A 58 8.94 6.28 8.61
CA PHE A 58 9.33 5.29 9.62
C PHE A 58 10.80 4.92 9.48
N LEU A 59 11.60 5.88 9.02
CA LEU A 59 13.02 5.66 8.83
C LEU A 59 13.26 4.57 7.79
N GLU A 60 12.94 3.33 8.15
CA GLU A 60 13.12 2.21 7.24
C GLU A 60 12.73 2.59 5.82
N LYS A 61 13.73 2.85 4.99
CA LYS A 61 13.48 3.22 3.60
C LYS A 61 13.04 2.00 2.79
N ASP A 62 13.46 0.82 3.25
CA ASP A 62 13.10 -0.42 2.57
C ASP A 62 11.61 -0.70 2.75
N LEU A 63 11.04 -0.13 3.79
CA LEU A 63 9.63 -0.33 4.08
C LEU A 63 8.80 0.77 3.40
N VAL A 64 9.46 1.87 3.05
CA VAL A 64 8.77 2.98 2.40
C VAL A 64 8.39 2.60 0.97
N GLU A 65 9.27 1.86 0.32
CA GLU A 65 9.01 1.42 -1.05
C GLU A 65 7.71 0.63 -1.13
N PRO A 66 7.62 -0.50 -0.45
CA PRO A 66 6.37 -1.33 -0.47
C PRO A 66 5.18 -0.55 0.06
N LEU A 67 5.42 0.33 1.04
CA LEU A 67 4.36 1.13 1.61
C LEU A 67 3.64 1.91 0.52
N CYS A 68 4.42 2.48 -0.39
CA CYS A 68 3.84 3.25 -1.49
C CYS A 68 3.14 2.33 -2.48
N ARG A 69 3.48 1.05 -2.44
CA ARG A 69 2.88 0.08 -3.33
C ARG A 69 1.50 -0.34 -2.82
N ARG A 70 1.47 -0.82 -1.58
CA ARG A 70 0.21 -1.25 -0.98
C ARG A 70 -0.83 -0.14 -1.08
N LEU A 71 -0.54 1.00 -0.47
CA LEU A 71 -1.45 2.14 -0.50
C LEU A 71 -1.95 2.35 -1.93
N ASN A 72 -1.02 2.34 -2.88
CA ASN A 72 -1.38 2.54 -4.27
C ASN A 72 -2.43 1.54 -4.71
N THR A 73 -2.40 0.36 -4.09
CA THR A 73 -3.37 -0.69 -4.42
C THR A 73 -4.71 -0.39 -3.76
N LEU A 74 -4.75 -0.44 -2.44
CA LEU A 74 -5.99 -0.17 -1.72
C LEU A 74 -6.62 1.13 -2.22
N ASN A 75 -5.78 2.11 -2.50
CA ASN A 75 -6.28 3.40 -2.98
C ASN A 75 -7.11 3.19 -4.25
N LYS A 76 -6.82 2.09 -4.96
CA LYS A 76 -7.54 1.78 -6.19
C LYS A 76 -8.73 0.87 -5.90
N CYS A 77 -8.47 -0.20 -5.14
CA CYS A 77 -9.53 -1.16 -4.80
C CYS A 77 -10.45 -0.58 -3.73
N ALA A 78 -10.01 0.51 -3.10
CA ALA A 78 -10.81 1.14 -2.05
C ALA A 78 -12.19 1.49 -2.57
N SER A 79 -12.26 1.85 -3.84
CA SER A 79 -13.54 2.21 -4.45
C SER A 79 -14.33 0.97 -4.82
N MET A 80 -14.12 -0.10 -4.06
CA MET A 80 -14.82 -1.36 -4.32
C MET A 80 -14.78 -1.71 -5.81
N LYS A 81 -15.79 -1.25 -6.53
CA LYS A 81 -15.86 -1.51 -7.96
C LYS A 81 -16.17 -2.98 -8.23
N MET A 1 -6.59 26.35 -35.36
CA MET A 1 -5.14 26.52 -35.05
C MET A 1 -4.71 25.49 -34.01
N HIS A 2 -3.47 25.59 -33.56
CA HIS A 2 -2.95 24.66 -32.56
C HIS A 2 -3.16 23.22 -33.01
N HIS A 3 -2.76 22.27 -32.16
CA HIS A 3 -2.90 20.86 -32.49
C HIS A 3 -4.24 20.33 -32.00
N HIS A 4 -4.57 19.10 -32.39
CA HIS A 4 -5.83 18.49 -31.99
C HIS A 4 -5.82 17.00 -32.28
N HIS A 5 -5.94 16.20 -31.23
CA HIS A 5 -5.94 14.74 -31.38
C HIS A 5 -6.64 14.07 -30.20
N HIS A 6 -6.85 12.77 -30.30
CA HIS A 6 -7.50 12.02 -29.24
C HIS A 6 -6.47 11.25 -28.42
N HIS A 7 -6.93 10.63 -27.34
CA HIS A 7 -6.03 9.86 -26.47
C HIS A 7 -6.76 8.65 -25.91
N SER A 8 -6.01 7.78 -25.23
CA SER A 8 -6.60 6.58 -24.62
C SER A 8 -5.70 6.06 -23.50
N SER A 9 -6.33 5.49 -22.48
CA SER A 9 -5.58 4.96 -21.35
C SER A 9 -6.49 4.11 -20.46
N GLY A 10 -5.89 3.28 -19.62
CA GLY A 10 -6.65 2.42 -18.72
C GLY A 10 -6.04 1.03 -18.64
N LEU A 11 -5.87 0.54 -17.42
CA LEU A 11 -5.30 -0.79 -17.20
C LEU A 11 -6.24 -1.67 -16.39
N VAL A 12 -6.70 -2.76 -16.99
CA VAL A 12 -7.61 -3.67 -16.31
C VAL A 12 -7.17 -5.12 -16.51
N PRO A 13 -6.04 -5.49 -15.96
CA PRO A 13 -5.50 -6.86 -16.07
C PRO A 13 -6.18 -7.84 -15.12
N ARG A 14 -6.97 -8.75 -15.69
CA ARG A 14 -7.69 -9.74 -14.88
C ARG A 14 -8.43 -9.06 -13.74
N GLY A 15 -7.74 -8.88 -12.62
CA GLY A 15 -8.35 -8.23 -11.46
C GLY A 15 -7.94 -8.95 -10.17
N SER A 16 -6.65 -9.19 -10.02
CA SER A 16 -6.13 -9.87 -8.84
C SER A 16 -5.81 -8.86 -7.74
N GLN A 17 -5.87 -7.57 -8.09
CA GLN A 17 -5.59 -6.51 -7.13
C GLN A 17 -6.24 -6.83 -5.78
N GLU A 18 -7.32 -7.59 -5.82
CA GLU A 18 -8.03 -7.96 -4.59
C GLU A 18 -7.06 -8.59 -3.59
N ILE A 19 -6.61 -9.80 -3.90
CA ILE A 19 -5.69 -10.50 -3.02
C ILE A 19 -4.61 -9.54 -2.53
N GLU A 20 -4.14 -8.68 -3.44
CA GLU A 20 -3.11 -7.71 -3.09
C GLU A 20 -3.67 -6.70 -2.09
N ALA A 21 -4.91 -6.28 -2.29
CA ALA A 21 -5.55 -5.32 -1.41
C ALA A 21 -5.56 -5.85 0.03
N LYS A 22 -6.14 -7.03 0.21
CA LYS A 22 -6.22 -7.63 1.53
C LYS A 22 -4.85 -7.69 2.20
N GLU A 23 -3.84 -8.13 1.47
CA GLU A 23 -2.51 -8.22 2.01
C GLU A 23 -1.98 -6.82 2.29
N ALA A 24 -2.04 -5.97 1.28
CA ALA A 24 -1.58 -4.60 1.39
C ALA A 24 -1.95 -4.02 2.76
N CYS A 25 -3.20 -4.23 3.16
CA CYS A 25 -3.67 -3.72 4.45
C CYS A 25 -3.17 -4.60 5.59
N ASP A 26 -3.11 -5.90 5.35
CA ASP A 26 -2.63 -6.84 6.37
C ASP A 26 -1.11 -6.78 6.48
N TRP A 27 -0.48 -6.10 5.52
CA TRP A 27 0.97 -5.98 5.52
C TRP A 27 1.40 -4.72 6.27
N LEU A 28 0.61 -3.65 6.13
CA LEU A 28 0.91 -2.40 6.79
C LEU A 28 0.99 -2.61 8.30
N ARG A 29 0.21 -3.55 8.80
CA ARG A 29 0.21 -3.85 10.23
C ARG A 29 1.48 -4.61 10.61
N ALA A 30 1.93 -5.47 9.71
CA ALA A 30 3.13 -6.26 9.96
C ALA A 30 4.37 -5.38 9.87
N ALA A 31 4.28 -4.32 9.08
CA ALA A 31 5.40 -3.39 8.91
C ALA A 31 5.58 -2.55 10.17
N GLY A 32 4.52 -2.48 10.99
CA GLY A 32 4.56 -1.71 12.21
C GLY A 32 3.68 -0.47 12.11
N PHE A 33 2.97 -0.36 11.00
CA PHE A 33 2.07 0.78 10.77
C PHE A 33 0.63 0.31 10.54
N PRO A 34 -0.07 -0.01 11.60
CA PRO A 34 -1.48 -0.49 11.50
C PRO A 34 -2.48 0.65 11.39
N GLN A 35 -2.02 1.88 11.61
CA GLN A 35 -2.90 3.04 11.54
C GLN A 35 -3.32 3.32 10.09
N TYR A 36 -2.63 2.71 9.15
CA TYR A 36 -2.96 2.91 7.73
C TYR A 36 -4.12 2.00 7.33
N ALA A 37 -3.87 0.69 7.32
CA ALA A 37 -4.90 -0.27 6.96
C ALA A 37 -6.24 0.15 7.56
N GLN A 38 -6.18 0.76 8.73
CA GLN A 38 -7.39 1.22 9.40
C GLN A 38 -8.22 2.09 8.46
N LEU A 39 -7.55 2.99 7.75
CA LEU A 39 -8.24 3.88 6.82
C LEU A 39 -9.10 3.08 5.85
N TYR A 40 -8.65 1.88 5.49
CA TYR A 40 -9.40 1.03 4.57
C TYR A 40 -10.85 0.91 5.04
N GLU A 41 -11.03 0.49 6.28
CA GLU A 41 -12.37 0.33 6.82
C GLU A 41 -13.25 1.50 6.43
N ASP A 42 -12.66 2.70 6.39
CA ASP A 42 -13.41 3.90 6.03
C ASP A 42 -13.37 4.11 4.52
N SER A 43 -12.39 3.50 3.86
CA SER A 43 -12.25 3.62 2.43
C SER A 43 -11.56 4.93 2.06
N GLN A 44 -11.02 5.61 3.07
CA GLN A 44 -10.33 6.87 2.85
C GLN A 44 -8.88 6.61 2.47
N PHE A 45 -8.62 5.43 1.93
CA PHE A 45 -7.28 5.05 1.51
C PHE A 45 -6.73 5.97 0.43
N PRO A 46 -7.45 6.20 -0.63
CA PRO A 46 -6.92 7.07 -1.71
C PRO A 46 -6.79 8.51 -1.24
N ILE A 47 -5.54 8.96 -1.19
CA ILE A 47 -5.23 10.33 -0.76
C ILE A 47 -3.78 10.65 -1.15
N ASN A 48 -3.34 11.86 -0.85
CA ASN A 48 -1.98 12.25 -1.17
C ASN A 48 -0.99 11.29 -0.52
N ILE A 49 -0.74 10.17 -1.19
CA ILE A 49 0.18 9.16 -0.67
C ILE A 49 1.51 9.78 -0.28
N VAL A 50 2.21 10.32 -1.27
CA VAL A 50 3.51 10.94 -1.02
C VAL A 50 3.54 11.68 0.32
N ALA A 51 2.45 12.38 0.61
CA ALA A 51 2.35 13.14 1.86
C ALA A 51 2.37 12.25 3.10
N VAL A 52 1.84 11.03 2.99
CA VAL A 52 1.83 10.13 4.15
C VAL A 52 3.16 9.41 4.29
N LYS A 53 3.70 8.92 3.19
CA LYS A 53 4.98 8.22 3.23
C LYS A 53 6.02 9.07 3.94
N ASN A 54 5.80 10.39 3.91
CA ASN A 54 6.71 11.33 4.55
C ASN A 54 6.30 11.53 6.01
N ASP A 55 5.01 11.73 6.22
CA ASP A 55 4.49 11.92 7.57
C ASP A 55 4.69 10.66 8.41
N HIS A 56 4.78 9.53 7.73
CA HIS A 56 4.99 8.26 8.43
C HIS A 56 6.41 7.77 8.23
N ASP A 57 6.72 7.30 7.02
CA ASP A 57 8.05 6.79 6.71
C ASP A 57 8.47 5.71 7.70
N PHE A 58 8.93 6.13 8.88
CA PHE A 58 9.35 5.18 9.90
C PHE A 58 10.44 4.26 9.37
N LEU A 59 11.04 3.49 10.26
CA LEU A 59 12.09 2.54 9.88
C LEU A 59 13.01 3.17 8.83
N GLU A 60 13.42 2.36 7.85
CA GLU A 60 14.29 2.85 6.78
C GLU A 60 13.56 2.88 5.45
N LYS A 61 14.32 2.77 4.37
CA LYS A 61 13.73 2.78 3.02
C LYS A 61 13.20 1.39 2.66
N ASP A 62 13.41 0.43 3.56
CA ASP A 62 12.94 -0.92 3.31
C ASP A 62 11.47 -1.06 3.67
N LEU A 63 10.90 0.00 4.24
CA LEU A 63 9.49 -0.01 4.63
C LEU A 63 8.77 1.21 4.06
N VAL A 64 9.52 2.07 3.38
CA VAL A 64 8.94 3.27 2.78
C VAL A 64 8.44 3.00 1.38
N GLU A 65 9.32 2.52 0.51
CA GLU A 65 8.95 2.22 -0.87
C GLU A 65 7.78 1.26 -0.92
N PRO A 66 7.84 0.17 -0.17
CA PRO A 66 6.74 -0.83 -0.14
C PRO A 66 5.41 -0.19 0.27
N LEU A 67 5.51 0.81 1.15
CA LEU A 67 4.33 1.51 1.63
C LEU A 67 3.57 2.13 0.47
N CYS A 68 4.30 2.73 -0.47
CA CYS A 68 3.69 3.37 -1.62
C CYS A 68 3.07 2.30 -2.54
N ARG A 69 3.56 1.07 -2.42
CA ARG A 69 3.05 -0.01 -3.24
C ARG A 69 1.69 -0.47 -2.71
N ARG A 70 1.65 -0.84 -1.44
CA ARG A 70 0.40 -1.29 -0.82
C ARG A 70 -0.62 -0.15 -0.82
N LEU A 71 -0.16 1.05 -0.49
CA LEU A 71 -1.06 2.20 -0.47
C LEU A 71 -1.63 2.45 -1.85
N ASN A 72 -0.76 2.58 -2.85
CA ASN A 72 -1.21 2.81 -4.21
C ASN A 72 -2.13 1.68 -4.69
N THR A 73 -1.99 0.52 -4.05
CA THR A 73 -2.81 -0.63 -4.41
C THR A 73 -4.21 -0.50 -3.84
N LEU A 74 -4.31 -0.54 -2.51
CA LEU A 74 -5.61 -0.43 -1.85
C LEU A 74 -6.35 0.80 -2.37
N ASN A 75 -5.62 1.89 -2.60
CA ASN A 75 -6.22 3.11 -3.11
C ASN A 75 -7.03 2.83 -4.36
N LYS A 76 -6.62 1.82 -5.12
CA LYS A 76 -7.32 1.45 -6.34
C LYS A 76 -8.41 0.44 -6.05
N CYS A 77 -8.27 -0.27 -4.92
CA CYS A 77 -9.26 -1.27 -4.53
C CYS A 77 -10.28 -0.67 -3.57
N ALA A 78 -9.96 0.49 -3.02
CA ALA A 78 -10.86 1.16 -2.09
C ALA A 78 -12.01 1.81 -2.84
N SER A 79 -12.04 1.62 -4.16
CA SER A 79 -13.10 2.20 -4.99
C SER A 79 -14.12 1.15 -5.36
N MET A 80 -13.85 -0.11 -4.99
CA MET A 80 -14.75 -1.21 -5.31
C MET A 80 -15.04 -1.25 -6.80
N LYS A 81 -14.24 -2.05 -7.53
CA LYS A 81 -14.42 -2.18 -8.96
C LYS A 81 -14.51 -0.80 -9.62
N MET A 1 6.37 -19.57 11.77
CA MET A 1 5.60 -20.43 10.82
C MET A 1 6.13 -21.85 10.89
N HIS A 2 7.37 -22.04 10.45
CA HIS A 2 7.99 -23.36 10.45
C HIS A 2 9.50 -23.24 10.52
N HIS A 3 10.11 -22.78 9.43
CA HIS A 3 11.55 -22.61 9.36
C HIS A 3 11.94 -21.68 8.23
N HIS A 4 13.15 -21.12 8.31
CA HIS A 4 13.63 -20.20 7.29
C HIS A 4 14.24 -20.99 6.12
N HIS A 5 13.47 -21.13 5.05
CA HIS A 5 13.94 -21.85 3.88
C HIS A 5 13.40 -21.22 2.60
N HIS A 6 12.78 -20.05 2.75
CA HIS A 6 12.21 -19.35 1.60
C HIS A 6 13.14 -18.22 1.16
N HIS A 7 13.36 -18.12 -0.16
CA HIS A 7 14.23 -17.07 -0.69
C HIS A 7 13.45 -15.78 -0.89
N SER A 8 13.29 -15.38 -2.14
CA SER A 8 12.56 -14.15 -2.45
C SER A 8 12.05 -14.17 -3.88
N SER A 9 10.93 -14.85 -4.09
CA SER A 9 10.34 -14.96 -5.42
C SER A 9 8.82 -14.77 -5.35
N GLY A 10 8.37 -13.56 -5.64
CA GLY A 10 6.94 -13.25 -5.61
C GLY A 10 6.44 -12.84 -7.00
N LEU A 11 5.18 -13.13 -7.29
CA LEU A 11 4.60 -12.79 -8.58
C LEU A 11 4.13 -11.33 -8.59
N VAL A 12 4.08 -10.75 -9.77
CA VAL A 12 3.65 -9.35 -9.91
C VAL A 12 2.65 -9.21 -11.04
N PRO A 13 1.45 -9.70 -10.85
CA PRO A 13 0.37 -9.62 -11.88
C PRO A 13 -0.32 -8.26 -11.90
N ARG A 14 -1.47 -8.20 -12.56
CA ARG A 14 -2.22 -6.94 -12.64
C ARG A 14 -3.71 -7.21 -12.52
N GLY A 15 -4.06 -8.41 -12.04
CA GLY A 15 -5.45 -8.79 -11.87
C GLY A 15 -5.71 -9.33 -10.47
N SER A 16 -4.64 -9.48 -9.70
CA SER A 16 -4.75 -9.98 -8.34
C SER A 16 -4.94 -8.84 -7.35
N GLN A 17 -5.25 -7.66 -7.88
CA GLN A 17 -5.46 -6.49 -7.04
C GLN A 17 -6.25 -6.85 -5.78
N GLU A 18 -7.06 -7.90 -5.89
CA GLU A 18 -7.87 -8.34 -4.76
C GLU A 18 -6.98 -8.91 -3.66
N ILE A 19 -6.28 -9.99 -3.97
CA ILE A 19 -5.40 -10.63 -3.00
C ILE A 19 -4.40 -9.61 -2.47
N GLU A 20 -4.00 -8.68 -3.32
CA GLU A 20 -3.04 -7.66 -2.93
C GLU A 20 -3.63 -6.77 -1.84
N ALA A 21 -4.91 -6.42 -1.99
CA ALA A 21 -5.57 -5.58 -1.01
C ALA A 21 -5.52 -6.21 0.38
N LYS A 22 -6.03 -7.44 0.48
CA LYS A 22 -6.02 -8.12 1.76
C LYS A 22 -4.63 -8.11 2.37
N GLU A 23 -3.62 -8.24 1.53
CA GLU A 23 -2.24 -8.23 2.01
C GLU A 23 -1.85 -6.82 2.44
N ALA A 24 -2.07 -5.86 1.55
CA ALA A 24 -1.75 -4.47 1.83
C ALA A 24 -2.09 -4.11 3.27
N CYS A 25 -3.31 -4.43 3.68
CA CYS A 25 -3.75 -4.12 5.04
C CYS A 25 -3.12 -5.07 6.06
N ASP A 26 -2.96 -6.33 5.67
CA ASP A 26 -2.37 -7.32 6.56
C ASP A 26 -0.86 -7.09 6.67
N TRP A 27 -0.31 -6.36 5.72
CA TRP A 27 1.11 -6.06 5.71
C TRP A 27 1.37 -4.74 6.42
N LEU A 28 0.56 -3.73 6.09
CA LEU A 28 0.71 -2.42 6.69
C LEU A 28 0.99 -2.53 8.19
N ARG A 29 0.41 -3.54 8.81
CA ARG A 29 0.61 -3.76 10.24
C ARG A 29 1.89 -4.53 10.51
N ALA A 30 2.32 -5.32 9.54
CA ALA A 30 3.53 -6.11 9.68
C ALA A 30 4.75 -5.25 9.40
N ALA A 31 4.54 -4.08 8.81
CA ALA A 31 5.63 -3.17 8.49
C ALA A 31 5.79 -2.11 9.57
N GLY A 32 4.67 -1.61 10.07
CA GLY A 32 4.69 -0.59 11.12
C GLY A 32 3.66 0.51 10.85
N PHE A 33 2.54 0.11 10.26
CA PHE A 33 1.48 1.07 9.95
C PHE A 33 0.10 0.44 10.16
N PRO A 34 -0.16 -0.05 11.33
CA PRO A 34 -1.46 -0.70 11.67
C PRO A 34 -2.60 0.32 11.73
N GLN A 35 -2.24 1.60 11.71
CA GLN A 35 -3.24 2.67 11.75
C GLN A 35 -3.74 2.98 10.35
N TYR A 36 -2.97 2.56 9.35
CA TYR A 36 -3.35 2.81 7.95
C TYR A 36 -4.55 1.95 7.58
N ALA A 37 -4.33 0.63 7.52
CA ALA A 37 -5.38 -0.30 7.18
C ALA A 37 -6.71 0.10 7.82
N GLN A 38 -6.62 0.65 9.03
CA GLN A 38 -7.81 1.07 9.75
C GLN A 38 -8.70 1.97 8.89
N LEU A 39 -8.07 2.81 8.07
CA LEU A 39 -8.82 3.72 7.21
C LEU A 39 -9.58 2.95 6.14
N TYR A 40 -8.99 1.86 5.65
CA TYR A 40 -9.65 1.05 4.62
C TYR A 40 -11.13 0.86 4.95
N GLU A 41 -11.40 0.43 6.18
CA GLU A 41 -12.77 0.23 6.61
C GLU A 41 -13.63 1.44 6.25
N ASP A 42 -13.01 2.62 6.25
CA ASP A 42 -13.72 3.84 5.91
C ASP A 42 -13.62 4.14 4.43
N SER A 43 -12.61 3.55 3.78
CA SER A 43 -12.41 3.75 2.35
C SER A 43 -11.69 5.08 2.08
N GLN A 44 -11.16 5.68 3.14
CA GLN A 44 -10.46 6.95 3.00
C GLN A 44 -8.99 6.69 2.67
N PHE A 45 -8.71 5.54 2.09
CA PHE A 45 -7.35 5.17 1.73
C PHE A 45 -6.77 6.13 0.70
N PRO A 46 -7.53 6.51 -0.28
CA PRO A 46 -7.03 7.44 -1.31
C PRO A 46 -6.66 8.78 -0.69
N ILE A 47 -5.37 9.10 -0.74
CA ILE A 47 -4.87 10.36 -0.20
C ILE A 47 -3.45 10.61 -0.72
N ASN A 48 -2.87 11.73 -0.32
CA ASN A 48 -1.51 12.07 -0.75
C ASN A 48 -0.52 11.04 -0.21
N ILE A 49 -0.18 10.05 -1.04
CA ILE A 49 0.74 9.01 -0.64
C ILE A 49 2.10 9.58 -0.26
N VAL A 50 2.81 10.13 -1.24
CA VAL A 50 4.13 10.69 -1.00
C VAL A 50 4.19 11.42 0.35
N ALA A 51 3.14 12.17 0.66
CA ALA A 51 3.10 12.93 1.92
C ALA A 51 3.20 12.04 3.15
N VAL A 52 2.77 10.78 3.03
CA VAL A 52 2.85 9.86 4.16
C VAL A 52 4.18 9.13 4.17
N LYS A 53 4.63 8.74 2.99
CA LYS A 53 5.89 8.02 2.84
C LYS A 53 7.02 8.83 3.47
N ASN A 54 6.77 10.11 3.66
CA ASN A 54 7.76 11.00 4.27
C ASN A 54 7.54 11.09 5.77
N ASP A 55 6.30 11.33 6.15
CA ASP A 55 5.96 11.46 7.57
C ASP A 55 5.56 10.12 8.17
N HIS A 56 4.51 9.53 7.62
CA HIS A 56 4.02 8.24 8.12
C HIS A 56 4.98 7.11 7.76
N ASP A 57 6.28 7.42 7.73
CA ASP A 57 7.28 6.42 7.39
C ASP A 57 8.52 6.58 8.28
N PHE A 58 8.36 7.28 9.39
CA PHE A 58 9.47 7.50 10.31
C PHE A 58 10.32 6.24 10.44
N LEU A 59 9.71 5.09 10.16
CA LEU A 59 10.43 3.82 10.26
C LEU A 59 11.52 3.75 9.19
N GLU A 60 12.21 2.61 9.13
CA GLU A 60 13.27 2.44 8.14
C GLU A 60 12.81 2.91 6.77
N LYS A 61 13.76 3.33 5.94
CA LYS A 61 13.43 3.81 4.61
C LYS A 61 12.94 2.67 3.73
N ASP A 62 13.50 1.48 3.94
CA ASP A 62 13.10 0.31 3.16
C ASP A 62 11.60 0.08 3.28
N LEU A 63 10.95 0.87 4.12
CA LEU A 63 9.52 0.74 4.31
C LEU A 63 8.75 1.78 3.50
N VAL A 64 9.48 2.53 2.67
CA VAL A 64 8.85 3.56 1.85
C VAL A 64 8.40 2.97 0.52
N GLU A 65 9.28 2.18 -0.10
CA GLU A 65 8.98 1.56 -1.38
C GLU A 65 7.74 0.68 -1.30
N PRO A 66 7.78 -0.39 -0.51
CA PRO A 66 6.61 -1.30 -0.38
C PRO A 66 5.33 -0.57 0.04
N LEU A 67 5.46 0.38 0.94
CA LEU A 67 4.30 1.14 1.40
C LEU A 67 3.60 1.81 0.21
N CYS A 68 4.39 2.41 -0.67
CA CYS A 68 3.83 3.08 -1.83
C CYS A 68 3.15 2.07 -2.75
N ARG A 69 3.40 0.79 -2.50
CA ARG A 69 2.81 -0.27 -3.30
C ARG A 69 1.45 -0.67 -2.74
N ARG A 70 1.38 -0.81 -1.42
CA ARG A 70 0.14 -1.19 -0.76
C ARG A 70 -0.89 -0.08 -0.86
N LEU A 71 -0.58 1.09 -0.31
CA LEU A 71 -1.50 2.21 -0.34
C LEU A 71 -2.03 2.41 -1.76
N ASN A 72 -1.13 2.39 -2.73
CA ASN A 72 -1.52 2.58 -4.12
C ASN A 72 -2.52 1.50 -4.54
N THR A 73 -2.35 0.30 -4.01
CA THR A 73 -3.25 -0.81 -4.34
C THR A 73 -4.67 -0.50 -3.86
N LEU A 74 -4.81 -0.25 -2.57
CA LEU A 74 -6.11 0.06 -2.00
C LEU A 74 -6.68 1.32 -2.63
N ASN A 75 -5.88 2.37 -2.66
CA ASN A 75 -6.32 3.64 -3.25
C ASN A 75 -6.99 3.40 -4.58
N LYS A 76 -6.62 2.29 -5.24
CA LYS A 76 -7.19 1.94 -6.52
C LYS A 76 -8.40 1.03 -6.35
N CYS A 77 -8.40 0.28 -5.26
CA CYS A 77 -9.50 -0.64 -4.98
C CYS A 77 -10.53 0.00 -4.05
N ALA A 78 -10.20 1.18 -3.54
CA ALA A 78 -11.10 1.89 -2.64
C ALA A 78 -12.18 2.63 -3.43
N SER A 79 -12.05 2.61 -4.75
CA SER A 79 -13.02 3.27 -5.62
C SER A 79 -14.43 2.75 -5.34
N MET A 80 -14.51 1.63 -4.63
CA MET A 80 -15.81 1.05 -4.30
C MET A 80 -16.44 0.44 -5.55
N LYS A 81 -17.30 -0.56 -5.34
CA LYS A 81 -17.97 -1.23 -6.44
C LYS A 81 -19.14 -0.39 -6.95
N MET A 1 20.49 11.98 -25.38
CA MET A 1 19.92 12.56 -26.62
C MET A 1 19.25 11.45 -27.43
N HIS A 2 19.13 10.27 -26.82
CA HIS A 2 18.52 9.13 -27.50
C HIS A 2 17.04 9.03 -27.13
N HIS A 3 16.23 8.63 -28.10
CA HIS A 3 14.79 8.50 -27.88
C HIS A 3 14.23 7.33 -28.68
N HIS A 4 13.76 6.31 -27.97
CA HIS A 4 13.19 5.13 -28.63
C HIS A 4 11.93 4.68 -27.91
N HIS A 5 11.19 5.62 -27.34
CA HIS A 5 9.97 5.31 -26.63
C HIS A 5 8.78 5.25 -27.59
N HIS A 6 8.23 4.06 -27.77
CA HIS A 6 7.09 3.89 -28.67
C HIS A 6 6.23 2.71 -28.23
N HIS A 7 6.23 1.65 -29.03
CA HIS A 7 5.44 0.46 -28.70
C HIS A 7 5.69 0.04 -27.26
N SER A 8 4.72 0.35 -26.39
CA SER A 8 4.84 0.00 -24.98
C SER A 8 3.52 -0.55 -24.45
N SER A 9 3.44 -1.87 -24.36
CA SER A 9 2.22 -2.51 -23.87
C SER A 9 2.41 -2.98 -22.43
N GLY A 10 1.98 -2.14 -21.47
CA GLY A 10 2.10 -2.48 -20.07
C GLY A 10 0.84 -2.10 -19.30
N LEU A 11 -0.20 -2.91 -19.44
CA LEU A 11 -1.46 -2.65 -18.76
C LEU A 11 -2.09 -3.96 -18.28
N VAL A 12 -1.98 -4.22 -16.98
CA VAL A 12 -2.54 -5.43 -16.39
C VAL A 12 -3.31 -5.11 -15.12
N PRO A 13 -4.39 -4.40 -15.23
CA PRO A 13 -5.24 -4.03 -14.07
C PRO A 13 -6.14 -5.17 -13.60
N ARG A 14 -6.85 -4.96 -12.51
CA ARG A 14 -7.74 -5.98 -11.97
C ARG A 14 -7.01 -7.31 -11.85
N GLY A 15 -5.69 -7.27 -11.96
CA GLY A 15 -4.89 -8.49 -11.87
C GLY A 15 -4.84 -9.00 -10.43
N SER A 16 -3.71 -8.78 -9.76
CA SER A 16 -3.55 -9.22 -8.39
C SER A 16 -4.03 -8.15 -7.42
N GLN A 17 -4.57 -7.07 -7.96
CA GLN A 17 -5.08 -5.97 -7.13
C GLN A 17 -5.98 -6.50 -6.03
N GLU A 18 -6.35 -7.78 -6.15
CA GLU A 18 -7.22 -8.40 -5.15
C GLU A 18 -6.41 -8.88 -3.95
N ILE A 19 -5.62 -9.92 -4.17
CA ILE A 19 -4.79 -10.46 -3.09
C ILE A 19 -3.91 -9.36 -2.50
N GLU A 20 -3.70 -8.31 -3.28
CA GLU A 20 -2.87 -7.20 -2.84
C GLU A 20 -3.62 -6.38 -1.79
N ALA A 21 -4.96 -6.40 -1.88
CA ALA A 21 -5.79 -5.66 -0.94
C ALA A 21 -5.69 -6.27 0.45
N LYS A 22 -6.20 -7.50 0.58
CA LYS A 22 -6.16 -8.18 1.86
C LYS A 22 -4.75 -8.16 2.44
N GLU A 23 -3.76 -8.29 1.56
CA GLU A 23 -2.37 -8.27 2.01
C GLU A 23 -1.99 -6.84 2.37
N ALA A 24 -2.21 -5.92 1.45
CA ALA A 24 -1.88 -4.52 1.67
C ALA A 24 -2.22 -4.11 3.10
N CYS A 25 -3.43 -4.43 3.55
CA CYS A 25 -3.84 -4.07 4.91
C CYS A 25 -3.16 -4.97 5.94
N ASP A 26 -2.97 -6.23 5.59
CA ASP A 26 -2.33 -7.18 6.51
C ASP A 26 -0.83 -6.97 6.52
N TRP A 27 -0.32 -6.22 5.54
CA TRP A 27 1.11 -5.95 5.46
C TRP A 27 1.44 -4.69 6.23
N LEU A 28 0.63 -3.66 6.06
CA LEU A 28 0.85 -2.39 6.75
C LEU A 28 1.06 -2.64 8.25
N ARG A 29 0.02 -3.11 8.92
CA ARG A 29 0.11 -3.39 10.36
C ARG A 29 1.34 -4.21 10.68
N ALA A 30 1.76 -5.05 9.73
CA ALA A 30 2.94 -5.89 9.94
C ALA A 30 4.22 -5.11 9.64
N ALA A 31 4.07 -4.00 8.92
CA ALA A 31 5.23 -3.18 8.58
C ALA A 31 5.43 -2.06 9.61
N GLY A 32 4.43 -1.87 10.46
CA GLY A 32 4.50 -0.84 11.49
C GLY A 32 3.64 0.36 11.12
N PHE A 33 2.48 0.08 10.54
CA PHE A 33 1.55 1.14 10.13
C PHE A 33 0.12 0.62 10.18
N PRO A 34 -0.32 0.15 11.33
CA PRO A 34 -1.69 -0.37 11.51
C PRO A 34 -2.75 0.73 11.38
N GLN A 35 -2.37 1.93 11.81
CA GLN A 35 -3.27 3.07 11.73
C GLN A 35 -3.75 3.26 10.29
N TYR A 36 -2.88 2.92 9.35
CA TYR A 36 -3.20 3.05 7.93
C TYR A 36 -4.38 2.14 7.56
N ALA A 37 -4.14 0.83 7.61
CA ALA A 37 -5.19 -0.13 7.27
C ALA A 37 -6.54 0.31 7.82
N GLN A 38 -6.54 0.76 9.06
CA GLN A 38 -7.77 1.22 9.71
C GLN A 38 -8.58 2.09 8.74
N LEU A 39 -7.88 2.87 7.93
CA LEU A 39 -8.53 3.75 6.97
C LEU A 39 -9.32 2.93 5.95
N TYR A 40 -8.77 1.80 5.54
CA TYR A 40 -9.43 0.95 4.56
C TYR A 40 -10.89 0.72 4.95
N GLU A 41 -11.09 0.19 6.16
CA GLU A 41 -12.44 -0.07 6.65
C GLU A 41 -13.34 1.14 6.41
N ASP A 42 -12.73 2.33 6.43
CA ASP A 42 -13.48 3.56 6.21
C ASP A 42 -13.52 3.92 4.73
N SER A 43 -12.60 3.35 3.97
CA SER A 43 -12.52 3.62 2.54
C SER A 43 -11.81 4.95 2.28
N GLN A 44 -11.27 5.54 3.34
CA GLN A 44 -10.56 6.82 3.22
C GLN A 44 -9.11 6.57 2.82
N PHE A 45 -8.86 5.42 2.19
CA PHE A 45 -7.51 5.07 1.78
C PHE A 45 -6.98 6.05 0.76
N PRO A 46 -7.77 6.44 -0.20
CA PRO A 46 -7.33 7.40 -1.23
C PRO A 46 -6.95 8.73 -0.61
N ILE A 47 -5.68 9.07 -0.69
CA ILE A 47 -5.17 10.33 -0.15
C ILE A 47 -3.78 10.61 -0.71
N ASN A 48 -3.21 11.76 -0.35
CA ASN A 48 -1.88 12.11 -0.82
C ASN A 48 -0.86 11.10 -0.30
N ILE A 49 -0.65 10.04 -1.06
CA ILE A 49 0.29 9.00 -0.67
C ILE A 49 1.65 9.60 -0.31
N VAL A 50 2.32 10.16 -1.31
CA VAL A 50 3.63 10.76 -1.11
C VAL A 50 3.76 11.44 0.26
N ALA A 51 2.72 12.19 0.65
CA ALA A 51 2.74 12.91 1.92
C ALA A 51 2.93 12.00 3.13
N VAL A 52 2.57 10.72 3.00
CA VAL A 52 2.72 9.79 4.13
C VAL A 52 4.12 9.20 4.15
N LYS A 53 4.66 8.90 2.97
CA LYS A 53 5.99 8.32 2.87
C LYS A 53 6.96 9.11 3.76
N ASN A 54 6.53 10.30 4.17
CA ASN A 54 7.35 11.14 5.02
C ASN A 54 6.98 10.93 6.48
N ASP A 55 5.69 10.77 6.74
CA ASP A 55 5.20 10.57 8.09
C ASP A 55 5.06 9.08 8.42
N HIS A 56 4.19 8.40 7.69
CA HIS A 56 3.96 6.97 7.93
C HIS A 56 5.19 6.13 7.56
N ASP A 57 6.37 6.69 7.77
CA ASP A 57 7.61 5.99 7.47
C ASP A 57 8.35 5.62 8.75
N PHE A 58 9.35 6.40 9.11
CA PHE A 58 10.14 6.15 10.31
C PHE A 58 10.38 4.66 10.50
N LEU A 59 10.90 4.01 9.46
CA LEU A 59 11.16 2.58 9.52
C LEU A 59 12.03 2.17 8.32
N GLU A 60 13.09 2.92 8.10
CA GLU A 60 14.00 2.63 7.00
C GLU A 60 13.30 2.82 5.66
N LYS A 61 14.08 2.99 4.60
CA LYS A 61 13.52 3.19 3.27
C LYS A 61 13.01 1.86 2.71
N ASP A 62 13.35 0.77 3.37
CA ASP A 62 12.92 -0.55 2.93
C ASP A 62 11.41 -0.70 3.11
N LEU A 63 10.86 0.03 4.07
CA LEU A 63 9.43 -0.02 4.34
C LEU A 63 8.70 1.04 3.51
N VAL A 64 9.40 2.12 3.19
CA VAL A 64 8.81 3.21 2.42
C VAL A 64 8.46 2.75 1.01
N GLU A 65 9.37 2.00 0.39
CA GLU A 65 9.13 1.51 -0.96
C GLU A 65 7.83 0.72 -1.04
N PRO A 66 7.71 -0.36 -0.31
CA PRO A 66 6.47 -1.19 -0.32
C PRO A 66 5.26 -0.43 0.21
N LEU A 67 5.51 0.53 1.10
CA LEU A 67 4.41 1.32 1.67
C LEU A 67 3.64 2.02 0.54
N CYS A 68 4.37 2.66 -0.35
CA CYS A 68 3.74 3.37 -1.47
C CYS A 68 3.20 2.37 -2.49
N ARG A 69 3.60 1.11 -2.35
CA ARG A 69 3.15 0.06 -3.26
C ARG A 69 1.76 -0.44 -2.87
N ARG A 70 1.57 -0.75 -1.60
CA ARG A 70 0.29 -1.24 -1.12
C ARG A 70 -0.78 -0.15 -1.20
N LEU A 71 -0.55 0.95 -0.48
CA LEU A 71 -1.50 2.05 -0.47
C LEU A 71 -2.04 2.30 -1.88
N ASN A 72 -1.12 2.35 -2.85
CA ASN A 72 -1.50 2.58 -4.23
C ASN A 72 -2.48 1.51 -4.71
N THR A 73 -2.29 0.29 -4.22
CA THR A 73 -3.16 -0.82 -4.61
C THR A 73 -4.57 -0.62 -4.05
N LEU A 74 -4.66 -0.47 -2.73
CA LEU A 74 -5.95 -0.26 -2.09
C LEU A 74 -6.58 1.05 -2.54
N ASN A 75 -5.80 2.13 -2.49
CA ASN A 75 -6.29 3.43 -2.91
C ASN A 75 -7.06 3.30 -4.23
N LYS A 76 -6.75 2.25 -4.98
CA LYS A 76 -7.41 2.01 -6.25
C LYS A 76 -8.61 1.09 -6.07
N CYS A 77 -8.54 0.23 -5.06
CA CYS A 77 -9.63 -0.70 -4.78
C CYS A 77 -10.58 -0.12 -3.74
N ALA A 78 -10.18 0.99 -3.14
CA ALA A 78 -11.01 1.63 -2.12
C ALA A 78 -12.27 2.23 -2.75
N SER A 79 -12.10 2.88 -3.90
CA SER A 79 -13.23 3.50 -4.59
C SER A 79 -14.20 2.42 -5.08
N MET A 80 -13.67 1.24 -5.38
CA MET A 80 -14.50 0.14 -5.85
C MET A 80 -15.51 -0.26 -4.79
N LYS A 81 -15.04 -0.92 -3.73
CA LYS A 81 -15.91 -1.36 -2.66
C LYS A 81 -16.25 -0.19 -1.74
N MET A 1 31.29 -4.62 6.15
CA MET A 1 32.14 -3.52 6.70
C MET A 1 31.77 -2.21 6.03
N HIS A 2 31.15 -2.30 4.85
CA HIS A 2 30.74 -1.11 4.12
C HIS A 2 29.73 -1.47 3.04
N HIS A 3 28.74 -2.28 3.40
CA HIS A 3 27.71 -2.69 2.46
C HIS A 3 26.76 -1.53 2.16
N HIS A 4 25.82 -1.77 1.26
CA HIS A 4 24.84 -0.73 0.89
C HIS A 4 23.53 -1.37 0.45
N HIS A 5 22.45 -1.04 1.14
CA HIS A 5 21.14 -1.58 0.80
C HIS A 5 20.40 -0.65 -0.16
N HIS A 6 19.72 -1.23 -1.13
CA HIS A 6 18.98 -0.43 -2.10
C HIS A 6 18.20 -1.34 -3.05
N HIS A 7 17.14 -1.94 -2.53
CA HIS A 7 16.30 -2.83 -3.34
C HIS A 7 15.23 -2.05 -4.07
N SER A 8 15.32 -2.01 -5.41
CA SER A 8 14.35 -1.29 -6.21
C SER A 8 13.32 -2.24 -6.80
N SER A 9 12.07 -1.80 -6.85
CA SER A 9 10.99 -2.62 -7.38
C SER A 9 9.96 -1.75 -8.08
N GLY A 10 9.52 -2.19 -9.26
CA GLY A 10 8.52 -1.45 -10.02
C GLY A 10 7.46 -2.38 -10.60
N LEU A 11 6.60 -2.90 -9.73
CA LEU A 11 5.54 -3.80 -10.16
C LEU A 11 4.19 -3.08 -10.15
N VAL A 12 3.49 -3.16 -11.28
CA VAL A 12 2.18 -2.51 -11.39
C VAL A 12 1.17 -3.46 -12.04
N PRO A 13 0.79 -4.49 -11.33
CA PRO A 13 -0.19 -5.50 -11.83
C PRO A 13 -1.63 -5.02 -11.70
N ARG A 14 -2.55 -5.72 -12.35
CA ARG A 14 -3.96 -5.36 -12.29
C ARG A 14 -4.83 -6.60 -12.25
N GLY A 15 -5.91 -6.53 -11.48
CA GLY A 15 -6.83 -7.66 -11.36
C GLY A 15 -6.72 -8.31 -9.98
N SER A 16 -5.49 -8.53 -9.53
CA SER A 16 -5.26 -9.14 -8.23
C SER A 16 -5.46 -8.11 -7.11
N GLN A 17 -6.05 -6.97 -7.46
CA GLN A 17 -6.28 -5.91 -6.49
C GLN A 17 -6.98 -6.47 -5.25
N GLU A 18 -7.71 -7.56 -5.44
CA GLU A 18 -8.43 -8.19 -4.33
C GLU A 18 -7.45 -8.87 -3.38
N ILE A 19 -6.84 -9.96 -3.85
CA ILE A 19 -5.87 -10.69 -3.04
C ILE A 19 -4.86 -9.73 -2.43
N GLU A 20 -4.59 -8.64 -3.15
CA GLU A 20 -3.64 -7.65 -2.67
C GLU A 20 -4.20 -6.94 -1.44
N ALA A 21 -5.47 -6.54 -1.51
CA ALA A 21 -6.10 -5.86 -0.39
C ALA A 21 -5.81 -6.59 0.91
N LYS A 22 -6.09 -7.89 0.93
CA LYS A 22 -5.86 -8.70 2.12
C LYS A 22 -4.39 -8.67 2.51
N GLU A 23 -3.52 -8.42 1.53
CA GLU A 23 -2.08 -8.37 1.78
C GLU A 23 -1.67 -6.96 2.18
N ALA A 24 -1.81 -6.04 1.24
CA ALA A 24 -1.45 -4.64 1.46
C ALA A 24 -1.80 -4.22 2.89
N CYS A 25 -3.03 -4.49 3.31
CA CYS A 25 -3.48 -4.11 4.64
C CYS A 25 -2.86 -5.01 5.70
N ASP A 26 -2.64 -6.28 5.36
CA ASP A 26 -2.05 -7.22 6.31
C ASP A 26 -0.54 -7.05 6.34
N TRP A 27 -0.02 -6.31 5.36
CA TRP A 27 1.42 -6.08 5.29
C TRP A 27 1.78 -4.81 6.07
N LEU A 28 0.96 -3.79 5.93
CA LEU A 28 1.20 -2.53 6.63
C LEU A 28 1.41 -2.77 8.12
N ARG A 29 0.36 -3.24 8.80
CA ARG A 29 0.44 -3.51 10.22
C ARG A 29 1.68 -4.36 10.53
N ALA A 30 2.09 -5.19 9.59
CA ALA A 30 3.25 -6.04 9.77
C ALA A 30 4.53 -5.22 9.65
N ALA A 31 4.46 -4.13 8.91
CA ALA A 31 5.62 -3.26 8.70
C ALA A 31 5.74 -2.26 9.85
N GLY A 32 4.60 -1.73 10.29
CA GLY A 32 4.59 -0.76 11.38
C GLY A 32 3.67 0.41 11.06
N PHE A 33 2.63 0.13 10.28
CA PHE A 33 1.67 1.17 9.91
C PHE A 33 0.25 0.61 9.93
N PRO A 34 -0.16 0.06 11.06
CA PRO A 34 -1.51 -0.54 11.23
C PRO A 34 -2.60 0.53 11.21
N GLN A 35 -2.24 1.74 11.63
CA GLN A 35 -3.19 2.83 11.66
C GLN A 35 -3.72 3.11 10.26
N TYR A 36 -3.05 2.58 9.25
CA TYR A 36 -3.46 2.78 7.87
C TYR A 36 -4.61 1.84 7.52
N ALA A 37 -4.33 0.55 7.46
CA ALA A 37 -5.34 -0.45 7.12
C ALA A 37 -6.70 -0.06 7.71
N GLN A 38 -6.66 0.55 8.88
CA GLN A 38 -7.88 0.98 9.54
C GLN A 38 -8.69 1.92 8.65
N LEU A 39 -7.99 2.85 8.00
CA LEU A 39 -8.66 3.81 7.12
C LEU A 39 -9.36 3.11 5.97
N TYR A 40 -8.72 2.09 5.39
CA TYR A 40 -9.31 1.36 4.28
C TYR A 40 -10.79 1.08 4.56
N GLU A 41 -11.06 0.53 5.73
CA GLU A 41 -12.43 0.21 6.12
C GLU A 41 -13.36 1.39 5.83
N ASP A 42 -12.81 2.61 5.94
CA ASP A 42 -13.60 3.80 5.68
C ASP A 42 -13.44 4.27 4.24
N SER A 43 -12.47 3.68 3.54
CA SER A 43 -12.21 4.02 2.16
C SER A 43 -11.35 5.28 2.07
N GLN A 44 -10.69 5.61 3.17
CA GLN A 44 -9.83 6.79 3.22
C GLN A 44 -8.41 6.43 2.82
N PHE A 45 -8.27 5.36 2.04
CA PHE A 45 -6.96 4.91 1.60
C PHE A 45 -6.39 5.80 0.51
N PRO A 46 -7.20 6.27 -0.40
CA PRO A 46 -6.70 7.16 -1.47
C PRO A 46 -6.46 8.56 -0.95
N ILE A 47 -5.20 8.95 -0.94
CA ILE A 47 -4.81 10.28 -0.47
C ILE A 47 -3.39 10.60 -0.93
N ASN A 48 -2.93 11.80 -0.65
CA ASN A 48 -1.59 12.21 -1.03
C ASN A 48 -0.57 11.22 -0.45
N ILE A 49 -0.30 10.16 -1.21
CA ILE A 49 0.63 9.13 -0.78
C ILE A 49 1.95 9.73 -0.33
N VAL A 50 2.71 10.26 -1.28
CA VAL A 50 4.00 10.86 -0.98
C VAL A 50 3.99 11.60 0.36
N ALA A 51 2.91 12.32 0.63
CA ALA A 51 2.79 13.09 1.87
C ALA A 51 2.77 12.19 3.11
N VAL A 52 2.27 10.98 2.99
CA VAL A 52 2.21 10.07 4.13
C VAL A 52 3.53 9.33 4.30
N LYS A 53 4.09 8.85 3.20
CA LYS A 53 5.34 8.13 3.23
C LYS A 53 6.38 8.91 4.00
N ASN A 54 6.08 10.18 4.26
CA ASN A 54 6.98 11.04 5.01
C ASN A 54 6.61 11.02 6.48
N ASP A 55 5.31 11.09 6.75
CA ASP A 55 4.82 11.10 8.12
C ASP A 55 4.39 9.71 8.57
N HIS A 56 3.30 9.22 8.00
CA HIS A 56 2.79 7.89 8.35
C HIS A 56 3.90 6.85 8.37
N ASP A 57 4.97 7.13 7.63
CA ASP A 57 6.08 6.20 7.56
C ASP A 57 7.42 6.95 7.54
N PHE A 58 8.30 6.59 8.46
CA PHE A 58 9.61 7.22 8.55
C PHE A 58 10.67 6.18 8.87
N LEU A 59 10.22 4.99 9.24
CA LEU A 59 11.13 3.89 9.59
C LEU A 59 12.11 3.64 8.44
N GLU A 60 12.86 2.56 8.55
CA GLU A 60 13.84 2.20 7.53
C GLU A 60 13.27 2.46 6.14
N LYS A 61 14.16 2.66 5.17
CA LYS A 61 13.74 2.92 3.80
C LYS A 61 13.14 1.67 3.17
N ASP A 62 13.46 0.51 3.73
CA ASP A 62 12.94 -0.74 3.22
C ASP A 62 11.46 -0.89 3.58
N LEU A 63 10.91 0.17 4.17
CA LEU A 63 9.51 0.17 4.57
C LEU A 63 8.79 1.39 4.02
N VAL A 64 9.54 2.24 3.33
CA VAL A 64 8.97 3.46 2.76
C VAL A 64 8.44 3.20 1.34
N GLU A 65 9.32 2.74 0.46
CA GLU A 65 8.92 2.45 -0.92
C GLU A 65 7.74 1.49 -0.95
N PRO A 66 7.80 0.41 -0.22
CA PRO A 66 6.69 -0.59 -0.17
C PRO A 66 5.37 0.07 0.23
N LEU A 67 5.46 1.09 1.07
CA LEU A 67 4.25 1.80 1.52
C LEU A 67 3.55 2.42 0.32
N CYS A 68 4.33 2.91 -0.63
CA CYS A 68 3.77 3.54 -1.82
C CYS A 68 3.16 2.48 -2.74
N ARG A 69 3.50 1.22 -2.50
CA ARG A 69 2.99 0.13 -3.32
C ARG A 69 1.64 -0.35 -2.79
N ARG A 70 1.62 -0.75 -1.52
CA ARG A 70 0.38 -1.22 -0.90
C ARG A 70 -0.70 -0.15 -0.97
N LEU A 71 -0.38 1.05 -0.50
CA LEU A 71 -1.34 2.15 -0.52
C LEU A 71 -1.82 2.38 -1.95
N ASN A 72 -0.89 2.59 -2.87
CA ASN A 72 -1.24 2.83 -4.27
C ASN A 72 -2.10 1.67 -4.80
N THR A 73 -1.91 0.49 -4.26
CA THR A 73 -2.68 -0.67 -4.70
C THR A 73 -4.11 -0.59 -4.19
N LEU A 74 -4.28 -0.59 -2.88
CA LEU A 74 -5.61 -0.51 -2.28
C LEU A 74 -6.30 0.78 -2.71
N ASN A 75 -5.55 1.88 -2.70
CA ASN A 75 -6.11 3.18 -3.09
C ASN A 75 -6.94 3.02 -4.36
N LYS A 76 -6.61 2.03 -5.17
CA LYS A 76 -7.33 1.79 -6.42
C LYS A 76 -8.54 0.90 -6.17
N CYS A 77 -8.46 0.06 -5.14
CA CYS A 77 -9.57 -0.83 -4.80
C CYS A 77 -10.52 -0.16 -3.84
N ALA A 78 -10.05 0.88 -3.16
CA ALA A 78 -10.89 1.61 -2.21
C ALA A 78 -12.02 2.32 -2.93
N SER A 79 -11.92 2.42 -4.25
CA SER A 79 -12.95 3.08 -5.05
C SER A 79 -13.97 2.07 -5.54
N MET A 80 -14.07 0.93 -4.84
CA MET A 80 -15.02 -0.11 -5.22
C MET A 80 -16.44 0.33 -4.91
N LYS A 81 -17.40 -0.50 -5.32
CA LYS A 81 -18.81 -0.18 -5.09
C LYS A 81 -19.09 1.29 -5.34
N MET A 1 -15.03 -13.76 14.40
CA MET A 1 -14.39 -14.99 13.87
C MET A 1 -13.19 -14.60 13.01
N HIS A 2 -12.20 -13.97 13.62
CA HIS A 2 -11.00 -13.54 12.91
C HIS A 2 -9.89 -14.58 13.07
N HIS A 3 -8.76 -14.33 12.41
CA HIS A 3 -7.63 -15.25 12.48
C HIS A 3 -6.33 -14.52 12.19
N HIS A 4 -5.26 -14.92 12.86
CA HIS A 4 -3.96 -14.29 12.65
C HIS A 4 -3.12 -15.11 11.68
N HIS A 5 -1.87 -14.69 11.49
CA HIS A 5 -0.97 -15.40 10.58
C HIS A 5 -1.70 -15.78 9.30
N HIS A 6 -1.96 -14.80 8.45
CA HIS A 6 -2.66 -15.05 7.20
C HIS A 6 -1.83 -15.96 6.30
N HIS A 7 -1.00 -15.36 5.44
CA HIS A 7 -0.17 -16.14 4.54
C HIS A 7 0.76 -15.22 3.74
N SER A 8 2.04 -15.57 3.69
CA SER A 8 3.02 -14.77 2.97
C SER A 8 2.77 -14.87 1.46
N SER A 9 2.89 -13.74 0.77
CA SER A 9 2.68 -13.71 -0.67
C SER A 9 4.02 -13.69 -1.40
N GLY A 10 3.98 -13.90 -2.71
CA GLY A 10 5.19 -13.91 -3.52
C GLY A 10 4.87 -14.04 -5.00
N LEU A 11 3.67 -13.60 -5.38
CA LEU A 11 3.25 -13.67 -6.77
C LEU A 11 3.59 -12.38 -7.51
N VAL A 12 3.72 -12.47 -8.82
CA VAL A 12 4.05 -11.28 -9.63
C VAL A 12 2.78 -10.45 -9.88
N PRO A 13 2.92 -9.19 -10.14
CA PRO A 13 1.76 -8.29 -10.40
C PRO A 13 1.07 -8.62 -11.73
N ARG A 14 -0.16 -9.10 -11.64
CA ARG A 14 -0.91 -9.46 -12.83
C ARG A 14 -2.41 -9.42 -12.55
N GLY A 15 -2.98 -8.21 -12.58
CA GLY A 15 -4.40 -8.04 -12.32
C GLY A 15 -4.79 -8.64 -10.97
N SER A 16 -3.83 -8.64 -10.04
CA SER A 16 -4.09 -9.19 -8.70
C SER A 16 -4.34 -8.07 -7.70
N GLN A 17 -4.58 -6.85 -8.21
CA GLN A 17 -4.83 -5.71 -7.34
C GLN A 17 -5.75 -6.11 -6.19
N GLU A 18 -6.52 -7.18 -6.39
CA GLU A 18 -7.43 -7.65 -5.37
C GLU A 18 -6.66 -8.32 -4.23
N ILE A 19 -6.10 -9.50 -4.51
CA ILE A 19 -5.34 -10.22 -3.51
C ILE A 19 -4.32 -9.29 -2.85
N GLU A 20 -4.04 -8.18 -3.52
CA GLU A 20 -3.08 -7.21 -2.99
C GLU A 20 -3.72 -6.40 -1.86
N ALA A 21 -5.02 -6.11 -2.01
CA ALA A 21 -5.73 -5.34 -1.00
C ALA A 21 -5.69 -6.04 0.36
N LYS A 22 -6.20 -7.26 0.40
CA LYS A 22 -6.23 -8.02 1.65
C LYS A 22 -4.89 -7.99 2.37
N GLU A 23 -3.81 -8.34 1.67
CA GLU A 23 -2.49 -8.34 2.29
C GLU A 23 -2.07 -6.92 2.63
N ALA A 24 -2.20 -6.02 1.66
CA ALA A 24 -1.83 -4.63 1.87
C ALA A 24 -2.23 -4.16 3.27
N CYS A 25 -3.48 -4.39 3.63
CA CYS A 25 -3.98 -3.98 4.94
C CYS A 25 -3.45 -4.91 6.02
N ASP A 26 -3.34 -6.19 5.72
CA ASP A 26 -2.83 -7.16 6.69
C ASP A 26 -1.32 -7.02 6.85
N TRP A 27 -0.69 -6.31 5.92
CA TRP A 27 0.75 -6.11 5.96
C TRP A 27 1.09 -4.82 6.69
N LEU A 28 0.50 -3.71 6.22
CA LEU A 28 0.74 -2.41 6.85
C LEU A 28 0.74 -2.54 8.37
N ARG A 29 -0.04 -3.50 8.87
CA ARG A 29 -0.13 -3.73 10.30
C ARG A 29 1.04 -4.59 10.78
N ALA A 30 1.48 -5.51 9.93
CA ALA A 30 2.59 -6.40 10.27
C ALA A 30 3.92 -5.65 10.17
N ALA A 31 3.94 -4.61 9.34
CA ALA A 31 5.16 -3.83 9.16
C ALA A 31 5.32 -2.83 10.31
N GLY A 32 4.26 -2.65 11.08
CA GLY A 32 4.31 -1.73 12.22
C GLY A 32 3.60 -0.42 11.88
N PHE A 33 2.70 -0.47 10.89
CA PHE A 33 1.95 0.71 10.47
C PHE A 33 0.48 0.36 10.28
N PRO A 34 -0.17 -0.13 11.30
CA PRO A 34 -1.62 -0.50 11.24
C PRO A 34 -2.51 0.72 11.09
N GLN A 35 -1.94 1.90 11.32
CA GLN A 35 -2.69 3.15 11.21
C GLN A 35 -3.30 3.28 9.81
N TYR A 36 -2.59 2.76 8.82
CA TYR A 36 -3.07 2.82 7.44
C TYR A 36 -4.34 2.00 7.26
N ALA A 37 -4.20 0.68 7.38
CA ALA A 37 -5.33 -0.23 7.22
C ALA A 37 -6.61 0.41 7.78
N GLN A 38 -6.48 1.06 8.93
CA GLN A 38 -7.63 1.71 9.54
C GLN A 38 -8.42 2.50 8.50
N LEU A 39 -7.70 3.23 7.65
CA LEU A 39 -8.35 4.03 6.61
C LEU A 39 -9.21 3.15 5.71
N TYR A 40 -8.83 1.88 5.58
CA TYR A 40 -9.59 0.95 4.74
C TYR A 40 -11.03 0.86 5.24
N GLU A 41 -11.19 0.32 6.45
CA GLU A 41 -12.52 0.18 7.03
C GLU A 41 -13.34 1.45 6.79
N ASP A 42 -12.66 2.60 6.86
CA ASP A 42 -13.33 3.88 6.65
C ASP A 42 -13.58 4.11 5.16
N SER A 43 -12.74 3.53 4.33
CA SER A 43 -12.87 3.67 2.87
C SER A 43 -12.31 4.99 2.39
N GLN A 44 -11.17 5.40 2.95
CA GLN A 44 -10.52 6.65 2.56
C GLN A 44 -9.02 6.44 2.36
N PHE A 45 -8.67 5.34 1.69
CA PHE A 45 -7.28 5.02 1.43
C PHE A 45 -6.69 5.94 0.37
N PRO A 46 -7.41 6.23 -0.67
CA PRO A 46 -6.89 7.10 -1.75
C PRO A 46 -6.69 8.53 -1.24
N ILE A 47 -5.43 8.94 -1.23
CA ILE A 47 -5.04 10.28 -0.79
C ILE A 47 -3.59 10.55 -1.17
N ASN A 48 -3.10 11.74 -0.85
CA ASN A 48 -1.72 12.09 -1.16
C ASN A 48 -0.77 11.09 -0.51
N ILE A 49 -0.50 10.00 -1.21
CA ILE A 49 0.38 8.97 -0.69
C ILE A 49 1.71 9.55 -0.25
N VAL A 50 2.47 10.11 -1.19
CA VAL A 50 3.76 10.70 -0.87
C VAL A 50 3.74 11.40 0.48
N ALA A 51 2.68 12.18 0.73
CA ALA A 51 2.55 12.91 1.97
C ALA A 51 2.51 12.00 3.20
N VAL A 52 1.99 10.79 3.06
CA VAL A 52 1.91 9.88 4.19
C VAL A 52 3.20 9.09 4.34
N LYS A 53 3.77 8.64 3.22
CA LYS A 53 5.01 7.89 3.24
C LYS A 53 6.05 8.62 4.09
N ASN A 54 5.81 9.91 4.30
CA ASN A 54 6.72 10.73 5.09
C ASN A 54 6.30 10.69 6.55
N ASP A 55 5.00 10.80 6.78
CA ASP A 55 4.46 10.79 8.15
C ASP A 55 4.23 9.35 8.62
N HIS A 56 4.41 8.40 7.72
CA HIS A 56 4.22 7.00 8.06
C HIS A 56 4.92 6.66 9.37
N ASP A 57 6.09 7.25 9.58
CA ASP A 57 6.85 7.01 10.80
C ASP A 57 8.09 7.91 10.83
N PHE A 58 9.12 7.52 10.09
CA PHE A 58 10.35 8.30 10.05
C PHE A 58 10.99 8.20 8.66
N LEU A 59 10.16 7.93 7.66
CA LEU A 59 10.64 7.80 6.29
C LEU A 59 11.76 6.78 6.21
N GLU A 60 11.41 5.59 5.71
CA GLU A 60 12.39 4.52 5.57
C GLU A 60 12.49 4.08 4.11
N LYS A 61 13.34 4.77 3.35
CA LYS A 61 13.53 4.47 1.93
C LYS A 61 13.41 2.97 1.66
N ASP A 62 13.75 2.15 2.65
CA ASP A 62 13.67 0.71 2.49
C ASP A 62 12.25 0.21 2.78
N LEU A 63 11.70 0.65 3.92
CA LEU A 63 10.36 0.25 4.31
C LEU A 63 9.32 1.16 3.68
N VAL A 64 9.78 2.14 2.90
CA VAL A 64 8.88 3.07 2.24
C VAL A 64 8.47 2.53 0.87
N GLU A 65 9.33 1.72 0.28
CA GLU A 65 9.03 1.13 -1.03
C GLU A 65 7.75 0.31 -0.97
N PRO A 66 7.72 -0.75 -0.19
CA PRO A 66 6.50 -1.61 -0.07
C PRO A 66 5.29 -0.79 0.37
N LEU A 67 5.51 0.14 1.30
CA LEU A 67 4.43 0.98 1.79
C LEU A 67 3.71 1.66 0.63
N CYS A 68 4.49 2.21 -0.30
CA CYS A 68 3.91 2.88 -1.46
C CYS A 68 3.25 1.86 -2.39
N ARG A 69 3.61 0.60 -2.22
CA ARG A 69 3.04 -0.46 -3.04
C ARG A 69 1.63 -0.83 -2.55
N ARG A 70 1.50 -1.01 -1.24
CA ARG A 70 0.21 -1.35 -0.66
C ARG A 70 -0.77 -0.21 -0.82
N LEU A 71 -0.45 0.94 -0.24
CA LEU A 71 -1.33 2.11 -0.34
C LEU A 71 -1.75 2.32 -1.79
N ASN A 72 -0.79 2.28 -2.69
CA ASN A 72 -1.08 2.46 -4.12
C ASN A 72 -2.16 1.50 -4.58
N THR A 73 -2.11 0.27 -4.06
CA THR A 73 -3.10 -0.74 -4.42
C THR A 73 -4.45 -0.43 -3.78
N LEU A 74 -4.49 -0.47 -2.45
CA LEU A 74 -5.71 -0.19 -1.73
C LEU A 74 -6.37 1.08 -2.26
N ASN A 75 -5.54 2.07 -2.58
CA ASN A 75 -6.05 3.33 -3.11
C ASN A 75 -6.82 3.11 -4.40
N LYS A 76 -6.46 2.05 -5.12
CA LYS A 76 -7.12 1.72 -6.36
C LYS A 76 -8.33 0.82 -6.12
N CYS A 77 -8.18 -0.13 -5.21
CA CYS A 77 -9.26 -1.05 -4.89
C CYS A 77 -10.28 -0.38 -3.97
N ALA A 78 -9.85 0.66 -3.28
CA ALA A 78 -10.75 1.38 -2.37
C ALA A 78 -11.93 1.96 -3.14
N SER A 79 -11.77 2.10 -4.44
CA SER A 79 -12.83 2.65 -5.29
C SER A 79 -13.80 1.56 -5.69
N MET A 80 -13.27 0.37 -5.97
CA MET A 80 -14.11 -0.76 -6.37
C MET A 80 -13.54 -2.06 -5.82
N LYS A 81 -14.40 -2.87 -5.21
CA LYS A 81 -13.98 -4.14 -4.65
C LYS A 81 -13.88 -5.21 -5.74
N MET A 1 28.13 10.15 -25.39
CA MET A 1 27.67 10.65 -24.07
C MET A 1 26.39 9.90 -23.66
N HIS A 2 25.79 9.22 -24.63
CA HIS A 2 24.56 8.48 -24.36
C HIS A 2 23.63 9.28 -23.47
N HIS A 3 22.83 10.14 -24.08
CA HIS A 3 21.88 10.97 -23.34
C HIS A 3 20.66 10.14 -22.93
N HIS A 4 20.85 9.25 -21.97
CA HIS A 4 19.76 8.41 -21.49
C HIS A 4 19.13 9.00 -20.24
N HIS A 5 17.93 8.54 -19.91
CA HIS A 5 17.22 9.04 -18.72
C HIS A 5 16.07 8.12 -18.37
N HIS A 6 15.61 7.33 -19.34
CA HIS A 6 14.51 6.41 -19.12
C HIS A 6 13.23 7.18 -18.82
N HIS A 7 12.17 6.88 -19.58
CA HIS A 7 10.89 7.56 -19.40
C HIS A 7 9.74 6.56 -19.48
N SER A 8 9.21 6.16 -18.33
CA SER A 8 8.11 5.21 -18.29
C SER A 8 6.77 5.94 -18.25
N SER A 9 6.49 6.58 -17.11
CA SER A 9 5.24 7.31 -16.95
C SER A 9 4.06 6.48 -17.44
N GLY A 10 3.91 5.29 -16.86
CA GLY A 10 2.81 4.40 -17.24
C GLY A 10 2.75 3.19 -16.32
N LEU A 11 1.68 3.10 -15.53
CA LEU A 11 1.52 1.99 -14.61
C LEU A 11 0.77 0.85 -15.29
N VAL A 12 0.96 -0.37 -14.76
CA VAL A 12 0.30 -1.54 -15.33
C VAL A 12 -0.31 -2.40 -14.22
N PRO A 13 -1.42 -1.97 -13.68
CA PRO A 13 -2.12 -2.71 -12.59
C PRO A 13 -2.35 -4.18 -12.95
N ARG A 14 -2.34 -5.05 -11.94
CA ARG A 14 -2.55 -6.47 -12.16
C ARG A 14 -4.01 -6.84 -11.93
N GLY A 15 -4.29 -8.14 -11.89
CA GLY A 15 -5.65 -8.61 -11.68
C GLY A 15 -5.82 -9.12 -10.25
N SER A 16 -4.77 -9.02 -9.46
CA SER A 16 -4.82 -9.49 -8.08
C SER A 16 -5.14 -8.33 -7.13
N GLN A 17 -5.60 -7.22 -7.71
CA GLN A 17 -5.94 -6.05 -6.91
C GLN A 17 -6.68 -6.46 -5.64
N GLU A 18 -7.30 -7.62 -5.68
CA GLU A 18 -8.04 -8.13 -4.52
C GLU A 18 -7.08 -8.68 -3.47
N ILE A 19 -6.46 -9.81 -3.79
CA ILE A 19 -5.52 -10.43 -2.86
C ILE A 19 -4.49 -9.42 -2.39
N GLU A 20 -4.10 -8.51 -3.29
CA GLU A 20 -3.13 -7.49 -2.94
C GLU A 20 -3.72 -6.52 -1.92
N ALA A 21 -4.98 -6.16 -2.12
CA ALA A 21 -5.65 -5.24 -1.22
C ALA A 21 -5.67 -5.81 0.20
N LYS A 22 -6.25 -7.00 0.34
CA LYS A 22 -6.33 -7.64 1.65
C LYS A 22 -4.97 -7.71 2.32
N GLU A 23 -3.94 -8.06 1.54
CA GLU A 23 -2.59 -8.14 2.08
C GLU A 23 -2.09 -6.75 2.42
N ALA A 24 -2.19 -5.86 1.46
CA ALA A 24 -1.76 -4.48 1.64
C ALA A 24 -2.12 -3.98 3.04
N CYS A 25 -3.36 -4.25 3.45
CA CYS A 25 -3.82 -3.82 4.76
C CYS A 25 -3.30 -4.75 5.85
N ASP A 26 -3.24 -6.04 5.54
CA ASP A 26 -2.77 -7.02 6.51
C ASP A 26 -1.25 -6.94 6.66
N TRP A 27 -0.60 -6.27 5.72
CA TRP A 27 0.85 -6.12 5.75
C TRP A 27 1.23 -4.82 6.44
N LEU A 28 0.57 -3.73 6.04
CA LEU A 28 0.85 -2.42 6.63
C LEU A 28 0.96 -2.52 8.14
N ARG A 29 0.19 -3.44 8.72
CA ARG A 29 0.22 -3.64 10.17
C ARG A 29 1.43 -4.48 10.57
N ALA A 30 1.88 -5.33 9.66
CA ALA A 30 3.03 -6.18 9.93
C ALA A 30 4.32 -5.38 9.78
N ALA A 31 4.25 -4.28 9.03
CA ALA A 31 5.42 -3.44 8.82
C ALA A 31 5.62 -2.50 10.00
N GLY A 32 4.59 -2.37 10.83
CA GLY A 32 4.65 -1.50 12.00
C GLY A 32 3.76 -0.28 11.80
N PHE A 33 2.91 -0.31 10.78
CA PHE A 33 2.02 0.81 10.50
C PHE A 33 0.59 0.29 10.28
N PRO A 34 -0.08 -0.06 11.34
CA PRO A 34 -1.48 -0.57 11.27
C PRO A 34 -2.50 0.55 11.15
N GLN A 35 -2.04 1.79 11.29
CA GLN A 35 -2.94 2.94 11.20
C GLN A 35 -3.52 3.05 9.80
N TYR A 36 -2.73 2.66 8.80
CA TYR A 36 -3.20 2.73 7.42
C TYR A 36 -4.37 1.80 7.19
N ALA A 37 -4.11 0.50 7.28
CA ALA A 37 -5.15 -0.51 7.08
C ALA A 37 -6.48 -0.04 7.66
N GLN A 38 -6.41 0.65 8.79
CA GLN A 38 -7.61 1.15 9.45
C GLN A 38 -8.43 1.99 8.48
N LEU A 39 -7.77 2.84 7.71
CA LEU A 39 -8.46 3.71 6.75
C LEU A 39 -9.33 2.86 5.81
N TYR A 40 -8.89 1.65 5.52
CA TYR A 40 -9.63 0.76 4.62
C TYR A 40 -11.06 0.59 5.12
N GLU A 41 -11.19 0.16 6.37
CA GLU A 41 -12.51 -0.04 6.95
C GLU A 41 -13.46 1.10 6.56
N ASP A 42 -12.89 2.30 6.42
CA ASP A 42 -13.68 3.46 6.04
C ASP A 42 -13.64 3.67 4.53
N SER A 43 -12.61 3.11 3.90
CA SER A 43 -12.45 3.24 2.44
C SER A 43 -11.86 4.60 2.11
N GLN A 44 -11.19 5.21 3.08
CA GLN A 44 -10.58 6.53 2.87
C GLN A 44 -9.09 6.39 2.61
N PHE A 45 -8.70 5.26 2.03
CA PHE A 45 -7.29 5.01 1.73
C PHE A 45 -6.74 6.05 0.77
N PRO A 46 -7.48 6.39 -0.25
CA PRO A 46 -7.01 7.39 -1.24
C PRO A 46 -6.79 8.74 -0.57
N ILE A 47 -5.54 9.15 -0.55
CA ILE A 47 -5.15 10.43 0.05
C ILE A 47 -3.72 10.77 -0.40
N ASN A 48 -3.21 11.91 0.07
CA ASN A 48 -1.85 12.31 -0.28
C ASN A 48 -0.88 11.20 0.09
N ILE A 49 -0.73 10.23 -0.80
CA ILE A 49 0.16 9.10 -0.55
C ILE A 49 1.60 9.54 -0.39
N VAL A 50 2.20 9.96 -1.49
CA VAL A 50 3.61 10.40 -1.49
C VAL A 50 4.00 11.03 -0.16
N ALA A 51 3.07 11.74 0.46
CA ALA A 51 3.35 12.40 1.74
C ALA A 51 3.48 11.41 2.90
N VAL A 52 2.37 10.73 3.22
CA VAL A 52 2.37 9.79 4.36
C VAL A 52 3.70 9.06 4.45
N LYS A 53 4.18 8.58 3.32
CA LYS A 53 5.46 7.88 3.28
C LYS A 53 6.58 8.80 3.77
N ASN A 54 6.57 10.03 3.28
CA ASN A 54 7.58 11.01 3.66
C ASN A 54 7.27 11.59 5.04
N ASP A 55 6.10 12.18 5.18
CA ASP A 55 5.69 12.77 6.45
C ASP A 55 5.64 11.71 7.55
N HIS A 56 4.80 10.71 7.35
CA HIS A 56 4.65 9.64 8.33
C HIS A 56 5.90 8.76 8.37
N ASP A 57 6.94 9.18 7.66
CA ASP A 57 8.19 8.43 7.62
C ASP A 57 8.52 7.90 9.00
N PHE A 58 8.82 6.60 9.07
CA PHE A 58 9.16 5.97 10.33
C PHE A 58 10.50 5.23 10.22
N LEU A 59 10.48 4.05 9.61
CA LEU A 59 11.69 3.26 9.44
C LEU A 59 12.52 3.77 8.27
N GLU A 60 13.61 3.09 7.97
CA GLU A 60 14.47 3.48 6.87
C GLU A 60 13.68 3.60 5.57
N LYS A 61 14.39 3.80 4.47
CA LYS A 61 13.74 3.94 3.17
C LYS A 61 13.31 2.57 2.65
N ASP A 62 13.66 1.53 3.38
CA ASP A 62 13.31 0.16 2.99
C ASP A 62 11.81 -0.06 3.16
N LEU A 63 11.26 0.43 4.26
CA LEU A 63 9.83 0.27 4.53
C LEU A 63 9.04 1.43 3.92
N VAL A 64 9.72 2.24 3.12
CA VAL A 64 9.07 3.39 2.47
C VAL A 64 8.49 3.00 1.12
N GLU A 65 9.32 2.46 0.24
CA GLU A 65 8.87 2.06 -1.08
C GLU A 65 7.70 1.07 -0.99
N PRO A 66 7.83 0.05 -0.19
CA PRO A 66 6.75 -0.98 -0.03
C PRO A 66 5.44 -0.33 0.41
N LEU A 67 5.53 0.66 1.28
CA LEU A 67 4.35 1.35 1.77
C LEU A 67 3.55 1.94 0.60
N CYS A 68 4.27 2.56 -0.33
CA CYS A 68 3.63 3.17 -1.50
C CYS A 68 3.01 2.09 -2.38
N ARG A 69 3.53 0.88 -2.28
CA ARG A 69 3.02 -0.23 -3.09
C ARG A 69 1.66 -0.68 -2.58
N ARG A 70 1.51 -0.74 -1.27
CA ARG A 70 0.25 -1.16 -0.67
C ARG A 70 -0.79 -0.05 -0.75
N LEU A 71 -0.43 1.14 -0.27
CA LEU A 71 -1.36 2.27 -0.30
C LEU A 71 -1.88 2.48 -1.72
N ASN A 72 -0.95 2.57 -2.68
CA ASN A 72 -1.33 2.77 -4.07
C ASN A 72 -2.29 1.67 -4.53
N THR A 73 -2.00 0.43 -4.14
CA THR A 73 -2.86 -0.69 -4.51
C THR A 73 -4.24 -0.55 -3.88
N LEU A 74 -4.28 -0.41 -2.57
CA LEU A 74 -5.54 -0.27 -1.86
C LEU A 74 -6.34 0.91 -2.40
N ASN A 75 -5.66 2.04 -2.60
CA ASN A 75 -6.32 3.23 -3.12
C ASN A 75 -7.09 2.89 -4.40
N LYS A 76 -6.44 2.16 -5.29
CA LYS A 76 -7.07 1.77 -6.55
C LYS A 76 -8.22 0.80 -6.28
N CYS A 77 -8.13 0.09 -5.17
CA CYS A 77 -9.16 -0.88 -4.81
C CYS A 77 -10.17 -0.25 -3.84
N ALA A 78 -9.85 0.94 -3.34
CA ALA A 78 -10.73 1.62 -2.41
C ALA A 78 -11.89 2.28 -3.15
N SER A 79 -11.70 2.53 -4.44
CA SER A 79 -12.74 3.16 -5.26
C SER A 79 -14.01 2.32 -5.22
N MET A 80 -13.84 1.00 -5.19
CA MET A 80 -15.00 0.10 -5.16
C MET A 80 -15.92 0.37 -6.33
N LYS A 81 -15.40 0.20 -7.55
CA LYS A 81 -16.19 0.43 -8.75
C LYS A 81 -16.99 1.72 -8.63
N MET A 1 36.08 -9.44 -11.85
CA MET A 1 36.14 -10.22 -10.57
C MET A 1 35.02 -9.75 -9.64
N HIS A 2 34.64 -8.48 -9.76
CA HIS A 2 33.58 -7.94 -8.93
C HIS A 2 32.27 -7.88 -9.70
N HIS A 3 31.27 -8.61 -9.19
CA HIS A 3 29.96 -8.65 -9.85
C HIS A 3 29.01 -7.66 -9.18
N HIS A 4 28.09 -7.10 -9.97
CA HIS A 4 27.13 -6.14 -9.44
C HIS A 4 25.78 -6.81 -9.23
N HIS A 5 25.05 -7.03 -10.34
CA HIS A 5 23.75 -7.66 -10.27
C HIS A 5 22.84 -6.91 -9.30
N HIS A 6 21.86 -6.20 -9.85
CA HIS A 6 20.92 -5.44 -9.02
C HIS A 6 19.48 -5.74 -9.43
N HIS A 7 19.29 -6.10 -10.70
CA HIS A 7 17.96 -6.40 -11.21
C HIS A 7 17.01 -5.23 -10.98
N SER A 8 15.91 -5.22 -11.71
CA SER A 8 14.93 -4.14 -11.58
C SER A 8 13.68 -4.46 -12.38
N SER A 9 12.66 -4.99 -11.72
CA SER A 9 11.41 -5.33 -12.38
C SER A 9 10.26 -5.40 -11.38
N GLY A 10 9.15 -4.77 -11.72
CA GLY A 10 7.98 -4.76 -10.85
C GLY A 10 6.95 -3.74 -11.32
N LEU A 11 5.93 -4.23 -12.02
CA LEU A 11 4.88 -3.35 -12.53
C LEU A 11 3.62 -3.46 -11.67
N VAL A 12 2.78 -2.44 -11.74
CA VAL A 12 1.54 -2.43 -10.96
C VAL A 12 0.37 -2.00 -11.84
N PRO A 13 0.01 -2.81 -12.79
CA PRO A 13 -1.13 -2.51 -13.72
C PRO A 13 -2.49 -2.79 -13.07
N ARG A 14 -2.96 -4.01 -13.20
CA ARG A 14 -4.25 -4.39 -12.63
C ARG A 14 -4.47 -5.89 -12.74
N GLY A 15 -5.22 -6.44 -11.79
CA GLY A 15 -5.51 -7.87 -11.78
C GLY A 15 -5.51 -8.43 -10.36
N SER A 16 -4.32 -8.65 -9.82
CA SER A 16 -4.21 -9.19 -8.46
C SER A 16 -4.46 -8.08 -7.44
N GLN A 17 -4.97 -6.96 -7.91
CA GLN A 17 -5.25 -5.83 -7.02
C GLN A 17 -6.04 -6.30 -5.80
N GLU A 18 -6.69 -7.44 -5.93
CA GLU A 18 -7.48 -8.00 -4.83
C GLU A 18 -6.58 -8.50 -3.71
N ILE A 19 -5.80 -9.55 -4.01
CA ILE A 19 -4.89 -10.11 -3.02
C ILE A 19 -3.99 -9.02 -2.46
N GLU A 20 -3.63 -8.07 -3.31
CA GLU A 20 -2.77 -6.97 -2.87
C GLU A 20 -3.50 -6.11 -1.85
N ALA A 21 -4.80 -5.90 -2.08
CA ALA A 21 -5.61 -5.09 -1.17
C ALA A 21 -5.66 -5.73 0.22
N LYS A 22 -6.21 -6.95 0.28
CA LYS A 22 -6.33 -7.64 1.56
C LYS A 22 -4.96 -7.73 2.24
N GLU A 23 -3.93 -7.98 1.46
CA GLU A 23 -2.58 -8.06 2.00
C GLU A 23 -2.13 -6.68 2.45
N ALA A 24 -2.26 -5.72 1.55
CA ALA A 24 -1.86 -4.35 1.84
C ALA A 24 -2.26 -3.94 3.25
N CYS A 25 -3.53 -4.16 3.60
CA CYS A 25 -4.03 -3.80 4.92
C CYS A 25 -3.50 -4.75 5.99
N ASP A 26 -3.38 -6.02 5.63
CA ASP A 26 -2.89 -7.03 6.58
C ASP A 26 -1.37 -6.96 6.70
N TRP A 27 -0.74 -6.28 5.74
CA TRP A 27 0.71 -6.14 5.74
C TRP A 27 1.13 -4.86 6.44
N LEU A 28 0.42 -3.76 6.14
CA LEU A 28 0.72 -2.47 6.75
C LEU A 28 0.91 -2.64 8.26
N ARG A 29 0.35 -3.72 8.81
CA ARG A 29 0.47 -3.99 10.23
C ARG A 29 1.74 -4.77 10.53
N ALA A 30 2.18 -5.56 9.55
CA ALA A 30 3.38 -6.36 9.71
C ALA A 30 4.62 -5.49 9.46
N ALA A 31 4.38 -4.29 8.94
CA ALA A 31 5.47 -3.35 8.66
C ALA A 31 5.70 -2.44 9.85
N GLY A 32 4.66 -2.27 10.67
CA GLY A 32 4.76 -1.41 11.85
C GLY A 32 3.93 -0.14 11.67
N PHE A 33 3.14 -0.11 10.60
CA PHE A 33 2.29 1.04 10.31
C PHE A 33 0.84 0.60 10.10
N PRO A 34 0.18 0.15 11.13
CA PRO A 34 -1.23 -0.32 11.05
C PRO A 34 -2.22 0.85 10.98
N GLN A 35 -1.73 2.06 11.24
CA GLN A 35 -2.60 3.23 11.22
C GLN A 35 -3.15 3.46 9.80
N TYR A 36 -2.63 2.70 8.84
CA TYR A 36 -3.09 2.85 7.45
C TYR A 36 -4.29 1.94 7.21
N ALA A 37 -4.06 0.63 7.25
CA ALA A 37 -5.14 -0.34 7.03
C ALA A 37 -6.44 0.16 7.65
N GLN A 38 -6.33 0.78 8.81
CA GLN A 38 -7.50 1.32 9.50
C GLN A 38 -8.38 2.10 8.52
N LEU A 39 -7.74 2.92 7.69
CA LEU A 39 -8.46 3.72 6.72
C LEU A 39 -9.31 2.84 5.80
N TYR A 40 -8.86 1.60 5.59
CA TYR A 40 -9.59 0.67 4.74
C TYR A 40 -11.05 0.58 5.18
N GLU A 41 -11.27 0.17 6.41
CA GLU A 41 -12.63 0.05 6.94
C GLU A 41 -13.47 1.25 6.51
N ASP A 42 -12.84 2.40 6.40
CA ASP A 42 -13.54 3.62 5.99
C ASP A 42 -13.48 3.78 4.48
N SER A 43 -12.48 3.17 3.86
CA SER A 43 -12.33 3.25 2.40
C SER A 43 -11.70 4.58 2.00
N GLN A 44 -11.29 5.36 2.98
CA GLN A 44 -10.67 6.66 2.71
C GLN A 44 -9.20 6.49 2.38
N PHE A 45 -8.85 5.30 1.91
CA PHE A 45 -7.47 5.01 1.55
C PHE A 45 -6.96 5.92 0.44
N PRO A 46 -7.77 6.15 -0.56
CA PRO A 46 -7.35 7.03 -1.68
C PRO A 46 -7.07 8.45 -1.20
N ILE A 47 -5.81 8.84 -1.30
CA ILE A 47 -5.36 10.17 -0.89
C ILE A 47 -3.94 10.41 -1.38
N ASN A 48 -3.41 11.59 -1.09
CA ASN A 48 -2.06 11.93 -1.49
C ASN A 48 -1.06 11.00 -0.81
N ILE A 49 -0.69 9.92 -1.51
CA ILE A 49 0.25 8.95 -0.96
C ILE A 49 1.54 9.65 -0.51
N VAL A 50 2.25 10.21 -1.47
CA VAL A 50 3.51 10.89 -1.18
C VAL A 50 3.44 11.64 0.16
N ALA A 51 2.34 12.34 0.38
CA ALA A 51 2.16 13.12 1.60
C ALA A 51 2.21 12.26 2.86
N VAL A 52 1.85 10.99 2.77
CA VAL A 52 1.88 10.12 3.93
C VAL A 52 3.24 9.46 4.08
N LYS A 53 3.82 9.03 2.96
CA LYS A 53 5.12 8.40 2.97
C LYS A 53 6.18 9.37 3.48
N ASN A 54 6.02 10.64 3.13
CA ASN A 54 6.96 11.66 3.56
C ASN A 54 6.75 12.00 5.02
N ASP A 55 5.54 12.43 5.34
CA ASP A 55 5.20 12.81 6.72
C ASP A 55 5.87 11.88 7.73
N HIS A 56 5.50 10.61 7.71
CA HIS A 56 6.09 9.65 8.64
C HIS A 56 7.29 8.95 8.01
N ASP A 57 7.04 8.18 6.95
CA ASP A 57 8.11 7.47 6.26
C ASP A 57 8.64 6.31 7.10
N PHE A 58 8.95 6.59 8.37
CA PHE A 58 9.48 5.58 9.27
C PHE A 58 10.95 5.29 8.95
N LEU A 59 11.76 5.20 9.98
CA LEU A 59 13.20 4.94 9.81
C LEU A 59 13.45 3.94 8.68
N GLU A 60 13.05 2.70 8.91
CA GLU A 60 13.24 1.65 7.90
C GLU A 60 12.87 2.18 6.52
N LYS A 61 13.87 2.65 5.77
CA LYS A 61 13.63 3.17 4.44
C LYS A 61 13.20 2.05 3.49
N ASP A 62 13.74 0.85 3.72
CA ASP A 62 13.41 -0.30 2.89
C ASP A 62 11.94 -0.66 3.06
N LEU A 63 11.29 -0.04 4.04
CA LEU A 63 9.89 -0.32 4.30
C LEU A 63 9.01 0.79 3.71
N VAL A 64 9.65 1.80 3.14
CA VAL A 64 8.91 2.91 2.52
C VAL A 64 8.51 2.54 1.10
N GLU A 65 9.39 1.83 0.41
CA GLU A 65 9.10 1.40 -0.95
C GLU A 65 7.82 0.58 -1.00
N PRO A 66 7.80 -0.57 -0.36
CA PRO A 66 6.58 -1.43 -0.32
C PRO A 66 5.36 -0.67 0.15
N LEU A 67 5.57 0.29 1.06
CA LEU A 67 4.46 1.08 1.59
C LEU A 67 3.71 1.76 0.46
N CYS A 68 4.46 2.28 -0.51
CA CYS A 68 3.84 2.96 -1.65
C CYS A 68 3.08 1.98 -2.52
N ARG A 69 3.52 0.72 -2.52
CA ARG A 69 2.86 -0.31 -3.31
C ARG A 69 1.49 -0.62 -2.74
N ARG A 70 1.42 -0.79 -1.42
CA ARG A 70 0.15 -1.09 -0.76
C ARG A 70 -0.82 0.08 -0.90
N LEU A 71 -0.50 1.20 -0.26
CA LEU A 71 -1.37 2.37 -0.33
C LEU A 71 -1.89 2.59 -1.75
N ASN A 72 -0.97 2.59 -2.71
CA ASN A 72 -1.34 2.78 -4.11
C ASN A 72 -2.36 1.73 -4.53
N THR A 73 -2.20 0.51 -4.02
CA THR A 73 -3.12 -0.57 -4.36
C THR A 73 -4.48 -0.35 -3.70
N LEU A 74 -4.49 -0.30 -2.37
CA LEU A 74 -5.73 -0.09 -1.65
C LEU A 74 -6.44 1.16 -2.15
N ASN A 75 -5.65 2.20 -2.46
CA ASN A 75 -6.21 3.44 -2.95
C ASN A 75 -7.04 3.19 -4.21
N LYS A 76 -6.72 2.11 -4.92
CA LYS A 76 -7.43 1.76 -6.13
C LYS A 76 -8.58 0.81 -5.81
N CYS A 77 -8.29 -0.21 -5.02
CA CYS A 77 -9.29 -1.20 -4.64
C CYS A 77 -10.31 -0.60 -3.69
N ALA A 78 -9.92 0.49 -3.03
CA ALA A 78 -10.82 1.15 -2.09
C ALA A 78 -11.99 1.80 -2.82
N SER A 79 -11.98 1.69 -4.14
CA SER A 79 -13.06 2.26 -4.94
C SER A 79 -14.20 1.27 -5.10
N MET A 80 -14.13 0.16 -4.37
CA MET A 80 -15.16 -0.86 -4.44
C MET A 80 -16.27 -0.57 -3.43
N LYS A 81 -16.02 -0.94 -2.17
CA LYS A 81 -17.01 -0.72 -1.12
C LYS A 81 -16.75 0.62 -0.43
N MET A 1 0.59 -17.96 21.24
CA MET A 1 -0.69 -18.46 21.80
C MET A 1 -1.70 -18.63 20.67
N HIS A 2 -2.39 -17.53 20.33
CA HIS A 2 -3.39 -17.58 19.27
C HIS A 2 -2.79 -17.05 17.97
N HIS A 3 -3.60 -17.06 16.91
CA HIS A 3 -3.15 -16.59 15.61
C HIS A 3 -1.81 -17.23 15.23
N HIS A 4 -1.29 -16.86 14.08
CA HIS A 4 -0.01 -17.42 13.61
C HIS A 4 0.65 -16.47 12.63
N HIS A 5 1.82 -16.87 12.13
CA HIS A 5 2.56 -16.04 11.17
C HIS A 5 1.84 -16.00 9.84
N HIS A 6 1.48 -17.17 9.33
CA HIS A 6 0.77 -17.25 8.05
C HIS A 6 1.73 -17.00 6.90
N HIS A 7 2.81 -16.28 7.17
CA HIS A 7 3.79 -15.97 6.14
C HIS A 7 3.12 -15.52 4.86
N SER A 8 3.89 -15.41 3.78
CA SER A 8 3.35 -14.99 2.50
C SER A 8 4.20 -15.52 1.36
N SER A 9 4.07 -14.90 0.18
CA SER A 9 4.84 -15.32 -0.98
C SER A 9 5.24 -14.11 -1.82
N GLY A 10 6.00 -14.36 -2.88
CA GLY A 10 6.45 -13.29 -3.76
C GLY A 10 5.69 -13.31 -5.09
N LEU A 11 4.39 -13.59 -5.01
CA LEU A 11 3.56 -13.63 -6.21
C LEU A 11 2.70 -12.38 -6.33
N VAL A 12 2.84 -11.68 -7.44
CA VAL A 12 2.08 -10.46 -7.67
C VAL A 12 1.50 -10.44 -9.08
N PRO A 13 0.57 -11.33 -9.35
CA PRO A 13 -0.08 -11.43 -10.68
C PRO A 13 -1.16 -10.37 -10.88
N ARG A 14 -1.48 -10.08 -12.14
CA ARG A 14 -2.50 -9.09 -12.45
C ARG A 14 -3.90 -9.64 -12.21
N GLY A 15 -4.84 -8.76 -11.93
CA GLY A 15 -6.21 -9.17 -11.68
C GLY A 15 -6.38 -9.73 -10.28
N SER A 16 -5.33 -9.59 -9.46
CA SER A 16 -5.37 -10.09 -8.10
C SER A 16 -5.62 -8.94 -7.11
N GLN A 17 -5.98 -7.78 -7.64
CA GLN A 17 -6.25 -6.61 -6.81
C GLN A 17 -7.02 -7.02 -5.56
N GLU A 18 -7.73 -8.13 -5.64
CA GLU A 18 -8.51 -8.63 -4.51
C GLU A 18 -7.58 -9.11 -3.40
N ILE A 19 -6.90 -10.23 -3.65
CA ILE A 19 -5.98 -10.77 -2.66
C ILE A 19 -4.91 -9.76 -2.32
N GLU A 20 -4.58 -8.90 -3.28
CA GLU A 20 -3.57 -7.87 -3.07
C GLU A 20 -4.09 -6.83 -2.08
N ALA A 21 -5.35 -6.47 -2.22
CA ALA A 21 -5.95 -5.47 -1.34
C ALA A 21 -5.86 -5.92 0.12
N LYS A 22 -6.43 -7.08 0.43
CA LYS A 22 -6.39 -7.59 1.80
C LYS A 22 -4.96 -7.63 2.32
N GLU A 23 -4.05 -8.13 1.51
CA GLU A 23 -2.65 -8.20 1.92
C GLU A 23 -2.12 -6.79 2.13
N ALA A 24 -2.32 -5.96 1.12
CA ALA A 24 -1.88 -4.58 1.19
C ALA A 24 -2.19 -3.99 2.55
N CYS A 25 -3.35 -4.32 3.09
CA CYS A 25 -3.75 -3.80 4.39
C CYS A 25 -3.21 -4.69 5.52
N ASP A 26 -3.29 -6.01 5.31
CA ASP A 26 -2.81 -6.95 6.31
C ASP A 26 -1.29 -6.85 6.46
N TRP A 27 -0.65 -6.22 5.49
CA TRP A 27 0.80 -6.06 5.53
C TRP A 27 1.18 -4.81 6.32
N LEU A 28 0.42 -3.74 6.13
CA LEU A 28 0.69 -2.49 6.83
C LEU A 28 0.97 -2.77 8.30
N ARG A 29 0.23 -3.72 8.86
CA ARG A 29 0.39 -4.07 10.27
C ARG A 29 1.71 -4.80 10.49
N ALA A 30 2.10 -5.63 9.53
CA ALA A 30 3.34 -6.39 9.62
C ALA A 30 4.54 -5.47 9.44
N ALA A 31 4.28 -4.22 9.06
CA ALA A 31 5.35 -3.25 8.85
C ALA A 31 5.62 -2.47 10.12
N GLY A 32 4.76 -2.64 11.12
CA GLY A 32 4.92 -1.95 12.39
C GLY A 32 4.07 -0.68 12.41
N PHE A 33 3.23 -0.52 11.39
CA PHE A 33 2.37 0.65 11.29
C PHE A 33 0.95 0.23 10.92
N PRO A 34 0.21 -0.29 11.87
CA PRO A 34 -1.19 -0.75 11.62
C PRO A 34 -2.20 0.41 11.62
N GLN A 35 -1.69 1.62 11.79
CA GLN A 35 -2.57 2.80 11.81
C GLN A 35 -3.03 3.13 10.40
N TYR A 36 -2.23 2.74 9.40
CA TYR A 36 -2.58 3.01 8.01
C TYR A 36 -3.76 2.15 7.59
N ALA A 37 -3.54 0.84 7.49
CA ALA A 37 -4.58 -0.10 7.10
C ALA A 37 -5.93 0.32 7.66
N GLN A 38 -5.92 0.91 8.85
CA GLN A 38 -7.15 1.37 9.47
C GLN A 38 -7.94 2.26 8.52
N LEU A 39 -7.23 3.16 7.84
CA LEU A 39 -7.88 4.07 6.89
C LEU A 39 -8.71 3.29 5.87
N TYR A 40 -8.21 2.14 5.44
CA TYR A 40 -8.92 1.33 4.45
C TYR A 40 -10.32 1.00 4.96
N GLU A 41 -10.39 0.30 6.09
CA GLU A 41 -11.68 -0.07 6.65
C GLU A 41 -12.63 1.13 6.68
N ASP A 42 -12.08 2.30 6.94
CA ASP A 42 -12.90 3.52 7.00
C ASP A 42 -13.23 4.00 5.59
N SER A 43 -12.45 3.52 4.61
CA SER A 43 -12.67 3.91 3.21
C SER A 43 -12.01 5.25 2.91
N GLN A 44 -10.73 5.37 3.25
CA GLN A 44 -10.00 6.60 3.00
C GLN A 44 -8.53 6.29 2.69
N PHE A 45 -8.32 5.43 1.70
CA PHE A 45 -6.96 5.05 1.31
C PHE A 45 -6.47 5.88 0.14
N PRO A 46 -7.31 6.13 -0.82
CA PRO A 46 -6.91 6.94 -1.99
C PRO A 46 -6.59 8.37 -1.57
N ILE A 47 -5.33 8.73 -1.71
CA ILE A 47 -4.87 10.07 -1.34
C ILE A 47 -3.44 10.27 -1.81
N ASN A 48 -2.89 11.45 -1.56
CA ASN A 48 -1.53 11.76 -1.97
C ASN A 48 -0.53 10.87 -1.22
N ILE A 49 -0.20 9.73 -1.80
CA ILE A 49 0.74 8.81 -1.18
C ILE A 49 2.01 9.54 -0.77
N VAL A 50 2.14 10.77 -1.25
CA VAL A 50 3.31 11.58 -0.93
C VAL A 50 3.19 12.21 0.46
N ALA A 51 2.02 12.75 0.76
CA ALA A 51 1.80 13.41 2.04
C ALA A 51 1.90 12.41 3.21
N VAL A 52 1.19 11.30 3.09
CA VAL A 52 1.19 10.28 4.14
C VAL A 52 2.60 9.81 4.49
N LYS A 53 3.25 9.12 3.55
CA LYS A 53 4.59 8.62 3.79
C LYS A 53 5.44 9.66 4.51
N ASN A 54 5.14 10.93 4.28
CA ASN A 54 5.88 12.01 4.90
C ASN A 54 5.18 12.46 6.18
N ASP A 55 3.87 12.22 6.24
CA ASP A 55 3.09 12.59 7.42
C ASP A 55 3.54 11.79 8.63
N HIS A 56 3.27 10.49 8.61
CA HIS A 56 3.64 9.62 9.72
C HIS A 56 5.15 9.68 9.96
N ASP A 57 5.85 10.41 9.11
CA ASP A 57 7.30 10.55 9.26
C ASP A 57 7.94 9.18 9.49
N PHE A 58 8.04 8.40 8.43
CA PHE A 58 8.64 7.07 8.52
C PHE A 58 10.16 7.16 8.64
N LEU A 59 10.78 6.04 8.95
CA LEU A 59 12.23 5.99 9.09
C LEU A 59 12.88 5.35 7.85
N GLU A 60 13.46 4.18 8.05
CA GLU A 60 14.10 3.47 6.95
C GLU A 60 13.27 3.57 5.67
N LYS A 61 13.95 3.58 4.52
CA LYS A 61 13.26 3.67 3.25
C LYS A 61 12.84 2.29 2.77
N ASP A 62 13.28 1.26 3.48
CA ASP A 62 12.95 -0.11 3.13
C ASP A 62 11.48 -0.40 3.47
N LEU A 63 10.96 0.35 4.43
CA LEU A 63 9.56 0.17 4.84
C LEU A 63 8.67 1.20 4.14
N VAL A 64 9.29 2.23 3.59
CA VAL A 64 8.55 3.27 2.89
C VAL A 64 8.24 2.84 1.46
N GLU A 65 9.22 2.21 0.83
CA GLU A 65 9.05 1.74 -0.54
C GLU A 65 7.85 0.79 -0.64
N PRO A 66 7.90 -0.35 0.01
CA PRO A 66 6.79 -1.33 -0.01
C PRO A 66 5.47 -0.70 0.43
N LEU A 67 5.56 0.25 1.37
CA LEU A 67 4.38 0.93 1.87
C LEU A 67 3.68 1.67 0.73
N CYS A 68 4.47 2.24 -0.17
CA CYS A 68 3.91 2.98 -1.30
C CYS A 68 3.32 2.01 -2.32
N ARG A 69 3.70 0.75 -2.24
CA ARG A 69 3.20 -0.26 -3.17
C ARG A 69 1.80 -0.72 -2.77
N ARG A 70 1.57 -0.85 -1.47
CA ARG A 70 0.27 -1.29 -0.99
C ARG A 70 -0.75 -0.17 -1.11
N LEU A 71 -0.43 0.99 -0.55
CA LEU A 71 -1.33 2.14 -0.61
C LEU A 71 -1.75 2.37 -2.06
N ASN A 72 -0.77 2.54 -2.94
CA ASN A 72 -1.06 2.76 -4.35
C ASN A 72 -2.04 1.69 -4.86
N THR A 73 -1.82 0.45 -4.43
CA THR A 73 -2.69 -0.65 -4.84
C THR A 73 -4.08 -0.48 -4.27
N LEU A 74 -4.17 -0.49 -2.94
CA LEU A 74 -5.46 -0.34 -2.27
C LEU A 74 -6.18 0.89 -2.80
N ASN A 75 -5.43 1.96 -3.07
CA ASN A 75 -6.00 3.18 -3.58
C ASN A 75 -6.76 2.92 -4.88
N LYS A 76 -6.24 1.99 -5.68
CA LYS A 76 -6.88 1.64 -6.94
C LYS A 76 -8.07 0.72 -6.71
N CYS A 77 -8.10 0.11 -5.53
CA CYS A 77 -9.18 -0.80 -5.18
C CYS A 77 -10.25 -0.08 -4.36
N ALA A 78 -9.84 0.97 -3.65
CA ALA A 78 -10.77 1.73 -2.82
C ALA A 78 -11.53 2.74 -3.68
N SER A 79 -11.43 2.58 -4.99
CA SER A 79 -12.12 3.48 -5.91
C SER A 79 -13.47 2.91 -6.33
N MET A 80 -13.56 1.58 -6.34
CA MET A 80 -14.80 0.89 -6.71
C MET A 80 -15.34 0.08 -5.54
N LYS A 81 -15.30 0.67 -4.35
CA LYS A 81 -15.79 -0.02 -3.16
C LYS A 81 -16.62 0.93 -2.30
N MET A 1 27.48 5.57 -30.23
CA MET A 1 26.19 5.99 -30.85
C MET A 1 25.69 4.88 -31.76
N HIS A 2 25.22 3.80 -31.16
CA HIS A 2 24.70 2.66 -31.93
C HIS A 2 23.42 2.13 -31.30
N HIS A 3 23.48 1.81 -30.02
CA HIS A 3 22.32 1.29 -29.32
C HIS A 3 21.36 2.40 -28.96
N HIS A 4 20.06 2.13 -29.06
CA HIS A 4 19.05 3.12 -28.75
C HIS A 4 17.69 2.46 -28.56
N HIS A 5 17.70 1.16 -28.27
CA HIS A 5 16.46 0.41 -28.07
C HIS A 5 16.18 0.24 -26.59
N HIS A 6 14.89 0.27 -26.23
CA HIS A 6 14.49 0.12 -24.83
C HIS A 6 13.01 -0.22 -24.74
N HIS A 7 12.16 0.71 -25.14
CA HIS A 7 10.73 0.50 -25.09
C HIS A 7 10.32 -0.18 -23.78
N SER A 8 10.10 0.62 -22.75
CA SER A 8 9.72 0.10 -21.44
C SER A 8 8.37 -0.61 -21.53
N SER A 9 8.08 -1.43 -20.53
CA SER A 9 6.81 -2.17 -20.51
C SER A 9 6.61 -2.83 -19.15
N GLY A 10 5.44 -2.61 -18.55
CA GLY A 10 5.13 -3.19 -17.26
C GLY A 10 3.68 -2.94 -16.86
N LEU A 11 2.76 -3.51 -17.65
CA LEU A 11 1.34 -3.33 -17.37
C LEU A 11 0.87 -4.28 -16.28
N VAL A 12 -0.15 -3.87 -15.53
CA VAL A 12 -0.67 -4.69 -14.45
C VAL A 12 -2.20 -4.73 -14.50
N PRO A 13 -2.75 -5.48 -15.41
CA PRO A 13 -4.22 -5.61 -15.58
C PRO A 13 -4.92 -5.96 -14.27
N ARG A 14 -6.07 -5.35 -14.03
CA ARG A 14 -6.83 -5.61 -12.81
C ARG A 14 -7.27 -7.06 -12.75
N GLY A 15 -7.82 -7.46 -11.60
CA GLY A 15 -8.29 -8.83 -11.42
C GLY A 15 -7.89 -9.38 -10.07
N SER A 16 -6.64 -9.85 -9.97
CA SER A 16 -6.15 -10.40 -8.71
C SER A 16 -5.89 -9.29 -7.71
N GLN A 17 -6.23 -8.06 -8.08
CA GLN A 17 -6.02 -6.91 -7.22
C GLN A 17 -6.59 -7.19 -5.82
N GLU A 18 -7.58 -8.08 -5.76
CA GLU A 18 -8.20 -8.43 -4.49
C GLU A 18 -7.17 -8.95 -3.51
N ILE A 19 -6.65 -10.14 -3.79
CA ILE A 19 -5.64 -10.74 -2.91
C ILE A 19 -4.59 -9.70 -2.53
N GLU A 20 -4.22 -8.86 -3.48
CA GLU A 20 -3.22 -7.82 -3.23
C GLU A 20 -3.75 -6.82 -2.21
N ALA A 21 -4.99 -6.38 -2.42
CA ALA A 21 -5.60 -5.42 -1.51
C ALA A 21 -5.60 -5.94 -0.07
N LYS A 22 -6.14 -7.15 0.11
CA LYS A 22 -6.20 -7.76 1.44
C LYS A 22 -4.81 -7.81 2.07
N GLU A 23 -3.84 -8.28 1.30
CA GLU A 23 -2.47 -8.38 1.80
C GLU A 23 -1.95 -6.99 2.12
N ALA A 24 -2.09 -6.09 1.16
CA ALA A 24 -1.65 -4.72 1.32
C ALA A 24 -2.03 -4.20 2.71
N CYS A 25 -3.28 -4.41 3.09
CA CYS A 25 -3.77 -3.95 4.39
C CYS A 25 -3.26 -4.85 5.52
N ASP A 26 -3.24 -6.15 5.28
CA ASP A 26 -2.77 -7.10 6.29
C ASP A 26 -1.25 -7.07 6.39
N TRP A 27 -0.62 -6.43 5.42
CA TRP A 27 0.84 -6.34 5.40
C TRP A 27 1.31 -5.06 6.10
N LEU A 28 0.55 -3.97 5.91
CA LEU A 28 0.90 -2.70 6.51
C LEU A 28 0.96 -2.83 8.03
N ARG A 29 0.21 -3.79 8.56
CA ARG A 29 0.19 -4.01 10.01
C ARG A 29 1.43 -4.75 10.47
N ALA A 30 1.90 -5.68 9.66
CA ALA A 30 3.09 -6.45 10.01
C ALA A 30 4.36 -5.72 9.58
N ALA A 31 4.18 -4.60 8.88
CA ALA A 31 5.32 -3.83 8.41
C ALA A 31 5.61 -2.67 9.37
N GLY A 32 4.70 -2.43 10.29
CA GLY A 32 4.86 -1.35 11.26
C GLY A 32 3.97 -0.17 10.91
N PHE A 33 2.91 -0.44 10.16
CA PHE A 33 1.97 0.61 9.76
C PHE A 33 0.54 0.17 10.04
N PRO A 34 0.14 0.18 11.29
CA PRO A 34 -1.22 -0.23 11.70
C PRO A 34 -2.25 0.89 11.52
N GLN A 35 -1.84 2.12 11.76
CA GLN A 35 -2.74 3.27 11.62
C GLN A 35 -3.22 3.40 10.18
N TYR A 36 -2.36 3.07 9.23
CA TYR A 36 -2.72 3.15 7.82
C TYR A 36 -3.91 2.24 7.52
N ALA A 37 -3.68 0.93 7.59
CA ALA A 37 -4.74 -0.04 7.32
C ALA A 37 -6.09 0.44 7.86
N GLN A 38 -6.05 1.01 9.06
CA GLN A 38 -7.27 1.51 9.69
C GLN A 38 -8.09 2.35 8.71
N LEU A 39 -7.40 3.16 7.91
CA LEU A 39 -8.09 3.99 6.93
C LEU A 39 -8.92 3.14 5.96
N TYR A 40 -8.44 1.93 5.68
CA TYR A 40 -9.15 1.03 4.78
C TYR A 40 -10.61 0.88 5.22
N GLU A 41 -10.80 0.39 6.44
CA GLU A 41 -12.14 0.19 6.98
C GLU A 41 -13.05 1.36 6.60
N ASP A 42 -12.54 2.58 6.71
CA ASP A 42 -13.31 3.76 6.38
C ASP A 42 -13.36 3.97 4.87
N SER A 43 -12.38 3.42 4.17
CA SER A 43 -12.30 3.56 2.72
C SER A 43 -11.74 4.92 2.34
N GLN A 44 -10.88 5.47 3.20
CA GLN A 44 -10.26 6.76 2.94
C GLN A 44 -8.79 6.59 2.61
N PHE A 45 -8.45 5.43 2.06
CA PHE A 45 -7.06 5.15 1.71
C PHE A 45 -6.56 6.10 0.64
N PRO A 46 -7.36 6.38 -0.36
CA PRO A 46 -6.94 7.30 -1.44
C PRO A 46 -6.69 8.70 -0.89
N ILE A 47 -5.43 9.11 -0.96
CA ILE A 47 -5.02 10.43 -0.48
C ILE A 47 -3.58 10.71 -0.91
N ASN A 48 -3.07 11.88 -0.54
CA ASN A 48 -1.69 12.23 -0.89
C ASN A 48 -0.74 11.16 -0.37
N ILE A 49 -0.57 10.10 -1.13
CA ILE A 49 0.32 9.01 -0.73
C ILE A 49 1.77 9.50 -0.60
N VAL A 50 2.19 10.33 -1.54
CA VAL A 50 3.55 10.85 -1.54
C VAL A 50 3.90 11.54 -0.22
N ALA A 51 2.98 12.34 0.30
CA ALA A 51 3.22 13.08 1.54
C ALA A 51 3.14 12.17 2.76
N VAL A 52 1.96 11.64 3.03
CA VAL A 52 1.75 10.80 4.21
C VAL A 52 2.90 9.81 4.40
N LYS A 53 3.26 9.08 3.36
CA LYS A 53 4.35 8.12 3.46
C LYS A 53 5.66 8.82 3.79
N ASN A 54 5.94 9.90 3.06
CA ASN A 54 7.16 10.65 3.30
C ASN A 54 7.23 11.00 4.78
N ASP A 55 6.13 11.56 5.29
CA ASP A 55 6.06 11.97 6.69
C ASP A 55 6.13 10.74 7.61
N HIS A 56 5.41 9.69 7.26
CA HIS A 56 5.40 8.47 8.07
C HIS A 56 6.71 7.72 7.92
N ASP A 57 7.78 8.44 7.59
CA ASP A 57 9.09 7.82 7.42
C ASP A 57 9.69 7.46 8.78
N PHE A 58 8.98 7.81 9.84
CA PHE A 58 9.44 7.52 11.19
C PHE A 58 10.01 6.12 11.27
N LEU A 59 9.59 5.26 10.35
CA LEU A 59 10.08 3.88 10.34
C LEU A 59 11.31 3.74 9.45
N GLU A 60 11.56 2.54 8.95
CA GLU A 60 12.71 2.29 8.11
C GLU A 60 12.45 2.81 6.69
N LYS A 61 13.53 3.17 6.00
CA LYS A 61 13.41 3.69 4.63
C LYS A 61 12.99 2.57 3.68
N ASP A 62 13.62 1.41 3.81
CA ASP A 62 13.31 0.27 2.96
C ASP A 62 11.87 -0.19 3.20
N LEU A 63 11.24 0.40 4.22
CA LEU A 63 9.86 0.05 4.55
C LEU A 63 8.90 1.08 3.98
N VAL A 64 9.44 2.24 3.60
CA VAL A 64 8.60 3.30 3.04
C VAL A 64 8.26 2.98 1.59
N GLU A 65 9.24 2.46 0.86
CA GLU A 65 9.02 2.10 -0.54
C GLU A 65 7.80 1.20 -0.68
N PRO A 66 7.85 0.00 -0.11
CA PRO A 66 6.71 -0.95 -0.18
C PRO A 66 5.40 -0.32 0.29
N LEU A 67 5.50 0.63 1.21
CA LEU A 67 4.32 1.30 1.73
C LEU A 67 3.52 1.93 0.58
N CYS A 68 4.23 2.62 -0.30
CA CYS A 68 3.59 3.25 -1.45
C CYS A 68 3.04 2.20 -2.41
N ARG A 69 3.56 0.98 -2.30
CA ARG A 69 3.11 -0.10 -3.17
C ARG A 69 1.75 -0.60 -2.72
N ARG A 70 1.61 -0.84 -1.42
CA ARG A 70 0.34 -1.32 -0.87
C ARG A 70 -0.70 -0.21 -0.92
N LEU A 71 -0.32 0.99 -0.49
CA LEU A 71 -1.24 2.12 -0.49
C LEU A 71 -1.80 2.33 -1.90
N ASN A 72 -0.91 2.41 -2.88
CA ASN A 72 -1.33 2.60 -4.26
C ASN A 72 -2.33 1.54 -4.66
N THR A 73 -2.13 0.31 -4.18
CA THR A 73 -3.02 -0.79 -4.50
C THR A 73 -4.38 -0.57 -3.86
N LEU A 74 -4.42 -0.58 -2.54
CA LEU A 74 -5.67 -0.37 -1.82
C LEU A 74 -6.46 0.79 -2.43
N ASN A 75 -5.79 1.92 -2.61
CA ASN A 75 -6.43 3.10 -3.19
C ASN A 75 -7.22 2.71 -4.43
N LYS A 76 -6.54 2.11 -5.40
CA LYS A 76 -7.19 1.70 -6.64
C LYS A 76 -8.35 0.76 -6.33
N CYS A 77 -8.31 0.12 -5.17
CA CYS A 77 -9.37 -0.81 -4.78
C CYS A 77 -10.41 -0.09 -3.94
N ALA A 78 -10.01 1.00 -3.28
CA ALA A 78 -10.93 1.76 -2.46
C ALA A 78 -11.86 2.60 -3.32
N SER A 79 -11.84 2.34 -4.63
CA SER A 79 -12.69 3.08 -5.56
C SER A 79 -13.95 2.27 -5.88
N MET A 80 -14.07 1.10 -5.26
CA MET A 80 -15.24 0.25 -5.49
C MET A 80 -15.57 0.19 -6.98
N LYS A 81 -16.57 0.97 -7.39
CA LYS A 81 -16.99 1.00 -8.78
C LYS A 81 -17.29 -0.41 -9.28
N MET A 1 6.16 -19.99 16.09
CA MET A 1 7.49 -20.03 15.42
C MET A 1 7.54 -21.22 14.48
N HIS A 2 8.13 -21.01 13.30
CA HIS A 2 8.24 -22.07 12.31
C HIS A 2 9.36 -21.78 11.32
N HIS A 3 9.00 -21.63 10.05
CA HIS A 3 9.97 -21.33 9.01
C HIS A 3 9.85 -19.89 8.55
N HIS A 4 10.98 -19.30 8.16
CA HIS A 4 10.99 -17.92 7.68
C HIS A 4 10.43 -16.99 8.77
N HIS A 5 9.67 -15.98 8.33
CA HIS A 5 9.09 -15.02 9.27
C HIS A 5 7.62 -15.35 9.52
N HIS A 6 6.79 -15.17 8.51
CA HIS A 6 5.37 -15.44 8.62
C HIS A 6 4.81 -16.00 7.32
N HIS A 7 3.93 -15.24 6.68
CA HIS A 7 3.33 -15.66 5.43
C HIS A 7 4.27 -15.38 4.26
N SER A 8 4.99 -14.27 4.35
CA SER A 8 5.93 -13.88 3.29
C SER A 8 5.18 -13.39 2.06
N SER A 9 4.12 -12.62 2.28
CA SER A 9 3.32 -12.09 1.18
C SER A 9 3.04 -13.18 0.16
N GLY A 10 3.11 -12.83 -1.12
CA GLY A 10 2.84 -13.80 -2.18
C GLY A 10 2.08 -13.14 -3.33
N LEU A 11 2.80 -12.37 -4.14
CA LEU A 11 2.18 -11.70 -5.28
C LEU A 11 1.96 -12.68 -6.44
N VAL A 12 0.82 -12.55 -7.10
CA VAL A 12 0.49 -13.43 -8.22
C VAL A 12 -0.03 -12.61 -9.41
N PRO A 13 0.06 -13.13 -10.60
CA PRO A 13 -0.42 -12.42 -11.82
C PRO A 13 -1.94 -12.34 -11.87
N ARG A 14 -2.47 -11.95 -13.04
CA ARG A 14 -3.91 -11.85 -13.21
C ARG A 14 -4.51 -10.88 -12.18
N GLY A 15 -5.78 -10.56 -12.34
CA GLY A 15 -6.46 -9.65 -11.42
C GLY A 15 -6.38 -10.17 -9.99
N SER A 16 -5.28 -9.86 -9.30
CA SER A 16 -5.11 -10.29 -7.92
C SER A 16 -5.40 -9.15 -6.96
N GLN A 17 -5.95 -8.06 -7.47
CA GLN A 17 -6.27 -6.91 -6.65
C GLN A 17 -6.87 -7.36 -5.32
N GLU A 18 -7.58 -8.48 -5.34
CA GLU A 18 -8.20 -9.01 -4.13
C GLU A 18 -7.14 -9.35 -3.09
N ILE A 19 -6.37 -10.40 -3.36
CA ILE A 19 -5.32 -10.80 -2.44
C ILE A 19 -4.40 -9.62 -2.15
N GLU A 20 -4.18 -8.79 -3.15
CA GLU A 20 -3.33 -7.63 -3.00
C GLU A 20 -3.94 -6.66 -1.99
N ALA A 21 -5.24 -6.42 -2.12
CA ALA A 21 -5.93 -5.51 -1.21
C ALA A 21 -5.74 -5.95 0.24
N LYS A 22 -6.14 -7.18 0.53
CA LYS A 22 -6.03 -7.71 1.88
C LYS A 22 -4.57 -7.71 2.33
N GLU A 23 -3.67 -8.10 1.43
CA GLU A 23 -2.26 -8.14 1.76
C GLU A 23 -1.78 -6.74 2.07
N ALA A 24 -2.07 -5.82 1.15
CA ALA A 24 -1.68 -4.44 1.31
C ALA A 24 -1.98 -3.94 2.73
N CYS A 25 -3.20 -4.19 3.20
CA CYS A 25 -3.60 -3.76 4.53
C CYS A 25 -3.06 -4.70 5.61
N ASP A 26 -3.17 -6.00 5.36
CA ASP A 26 -2.69 -7.00 6.33
C ASP A 26 -1.16 -6.95 6.43
N TRP A 27 -0.53 -6.37 5.43
CA TRP A 27 0.93 -6.26 5.42
C TRP A 27 1.37 -5.01 6.15
N LEU A 28 0.58 -3.93 6.00
CA LEU A 28 0.90 -2.68 6.66
C LEU A 28 1.11 -2.91 8.15
N ARG A 29 0.06 -3.37 8.83
CA ARG A 29 0.14 -3.63 10.26
C ARG A 29 1.30 -4.56 10.56
N ALA A 30 1.58 -5.49 9.65
CA ALA A 30 2.68 -6.42 9.82
C ALA A 30 4.02 -5.75 9.54
N ALA A 31 3.96 -4.58 8.90
CA ALA A 31 5.16 -3.84 8.56
C ALA A 31 5.55 -2.92 9.71
N GLY A 32 4.63 -2.72 10.65
CA GLY A 32 4.88 -1.86 11.79
C GLY A 32 4.06 -0.57 11.69
N PHE A 33 3.04 -0.59 10.85
CA PHE A 33 2.19 0.60 10.68
C PHE A 33 0.73 0.19 10.48
N PRO A 34 0.05 -0.14 11.55
CA PRO A 34 -1.37 -0.56 11.49
C PRO A 34 -2.34 0.62 11.39
N GLN A 35 -1.83 1.83 11.63
CA GLN A 35 -2.68 3.01 11.56
C GLN A 35 -3.05 3.33 10.12
N TYR A 36 -2.46 2.59 9.17
CA TYR A 36 -2.76 2.80 7.76
C TYR A 36 -3.98 2.01 7.34
N ALA A 37 -3.86 0.69 7.31
CA ALA A 37 -4.98 -0.16 6.93
C ALA A 37 -6.28 0.36 7.56
N GLN A 38 -6.16 0.94 8.75
CA GLN A 38 -7.32 1.47 9.45
C GLN A 38 -8.13 2.38 8.54
N LEU A 39 -7.42 3.15 7.71
CA LEU A 39 -8.08 4.06 6.77
C LEU A 39 -8.93 3.29 5.77
N TYR A 40 -8.49 2.09 5.42
CA TYR A 40 -9.22 1.27 4.46
C TYR A 40 -10.64 1.00 4.96
N GLU A 41 -10.74 0.30 6.08
CA GLU A 41 -12.03 -0.01 6.67
C GLU A 41 -12.93 1.23 6.71
N ASP A 42 -12.33 2.38 6.98
CA ASP A 42 -13.09 3.62 7.05
C ASP A 42 -13.45 4.11 5.65
N SER A 43 -12.73 3.62 4.65
CA SER A 43 -12.97 4.01 3.26
C SER A 43 -12.30 5.34 2.95
N GLN A 44 -11.03 5.46 3.33
CA GLN A 44 -10.28 6.68 3.09
C GLN A 44 -8.82 6.35 2.78
N PHE A 45 -8.61 5.53 1.76
CA PHE A 45 -7.26 5.14 1.38
C PHE A 45 -6.70 6.03 0.30
N PRO A 46 -7.48 6.35 -0.71
CA PRO A 46 -7.00 7.21 -1.80
C PRO A 46 -6.65 8.60 -1.28
N ILE A 47 -5.36 8.93 -1.33
CA ILE A 47 -4.86 10.22 -0.87
C ILE A 47 -3.48 10.47 -1.45
N ASN A 48 -2.91 11.63 -1.12
CA ASN A 48 -1.59 11.98 -1.60
C ASN A 48 -0.54 11.01 -1.07
N ILE A 49 -0.27 9.96 -1.85
CA ILE A 49 0.73 8.96 -1.44
C ILE A 49 2.05 9.62 -1.07
N VAL A 50 2.14 10.93 -1.31
CA VAL A 50 3.36 11.67 -1.00
C VAL A 50 3.35 12.14 0.45
N ALA A 51 2.20 12.67 0.89
CA ALA A 51 2.07 13.16 2.26
C ALA A 51 2.18 12.03 3.28
N VAL A 52 1.34 11.01 3.13
CA VAL A 52 1.33 9.89 4.05
C VAL A 52 2.75 9.38 4.32
N LYS A 53 3.38 8.79 3.32
CA LYS A 53 4.72 8.26 3.48
C LYS A 53 5.59 9.23 4.28
N ASN A 54 5.24 10.51 4.21
CA ASN A 54 6.00 11.53 4.93
C ASN A 54 5.35 11.81 6.29
N ASP A 55 4.05 11.52 6.37
CA ASP A 55 3.31 11.74 7.62
C ASP A 55 3.77 10.77 8.69
N HIS A 56 3.68 9.47 8.41
CA HIS A 56 4.10 8.46 9.37
C HIS A 56 5.62 8.40 9.48
N ASP A 57 6.27 9.54 9.22
CA ASP A 57 7.71 9.62 9.29
C ASP A 57 8.34 9.04 8.02
N PHE A 58 9.54 8.51 8.18
CA PHE A 58 10.26 7.93 7.05
C PHE A 58 11.15 6.78 7.50
N LEU A 59 11.20 6.56 8.81
CA LEU A 59 12.03 5.50 9.36
C LEU A 59 12.02 4.26 8.47
N GLU A 60 13.18 3.63 8.32
CA GLU A 60 13.30 2.45 7.47
C GLU A 60 12.81 2.76 6.06
N LYS A 61 13.74 2.97 5.14
CA LYS A 61 13.40 3.28 3.77
C LYS A 61 12.93 2.03 3.04
N ASP A 62 13.46 0.88 3.43
CA ASP A 62 13.08 -0.39 2.82
C ASP A 62 11.62 -0.70 3.12
N LEU A 63 11.07 0.00 4.11
CA LEU A 63 9.68 -0.20 4.51
C LEU A 63 8.80 0.88 3.90
N VAL A 64 9.39 2.05 3.64
CA VAL A 64 8.65 3.16 3.07
C VAL A 64 8.36 2.88 1.59
N GLU A 65 9.34 2.31 0.90
CA GLU A 65 9.18 1.99 -0.51
C GLU A 65 7.94 1.12 -0.72
N PRO A 66 7.91 -0.07 -0.16
CA PRO A 66 6.73 -0.98 -0.30
C PRO A 66 5.44 -0.34 0.20
N LEU A 67 5.57 0.55 1.19
CA LEU A 67 4.40 1.22 1.74
C LEU A 67 3.68 1.99 0.64
N CYS A 68 4.44 2.65 -0.23
CA CYS A 68 3.85 3.40 -1.33
C CYS A 68 3.33 2.45 -2.40
N ARG A 69 3.80 1.22 -2.37
CA ARG A 69 3.38 0.22 -3.34
C ARG A 69 2.01 -0.34 -2.98
N ARG A 70 1.78 -0.55 -1.69
CA ARG A 70 0.50 -1.09 -1.23
C ARG A 70 -0.56 0.01 -1.22
N LEU A 71 -0.24 1.14 -0.63
CA LEU A 71 -1.20 2.24 -0.56
C LEU A 71 -1.77 2.52 -1.95
N ASN A 72 -0.89 2.62 -2.95
CA ASN A 72 -1.34 2.87 -4.31
C ASN A 72 -2.23 1.74 -4.81
N THR A 73 -1.94 0.52 -4.35
CA THR A 73 -2.73 -0.63 -4.77
C THR A 73 -4.16 -0.50 -4.25
N LEU A 74 -4.31 -0.37 -2.94
CA LEU A 74 -5.63 -0.24 -2.34
C LEU A 74 -6.31 1.03 -2.83
N ASN A 75 -5.59 2.15 -2.78
CA ASN A 75 -6.14 3.42 -3.22
C ASN A 75 -6.92 3.25 -4.52
N LYS A 76 -6.53 2.23 -5.29
CA LYS A 76 -7.20 1.96 -6.55
C LYS A 76 -8.40 1.03 -6.34
N CYS A 77 -8.26 0.13 -5.37
CA CYS A 77 -9.33 -0.82 -5.09
C CYS A 77 -10.30 -0.23 -4.07
N ALA A 78 -9.92 0.89 -3.47
CA ALA A 78 -10.78 1.54 -2.48
C ALA A 78 -11.96 2.22 -3.16
N SER A 79 -11.97 2.20 -4.49
CA SER A 79 -13.06 2.81 -5.24
C SER A 79 -14.41 2.33 -4.72
N MET A 80 -14.49 1.04 -4.38
CA MET A 80 -15.73 0.48 -3.88
C MET A 80 -15.44 -0.58 -2.81
N LYS A 81 -15.29 -1.83 -3.25
CA LYS A 81 -15.01 -2.92 -2.33
C LYS A 81 -13.51 -3.21 -2.29
N MET A 1 -23.02 0.47 -12.81
CA MET A 1 -23.35 1.40 -11.69
C MET A 1 -23.37 0.63 -10.38
N HIS A 2 -22.41 0.91 -9.51
CA HIS A 2 -22.33 0.23 -8.21
C HIS A 2 -22.56 -1.26 -8.39
N HIS A 3 -21.59 -1.95 -8.99
CA HIS A 3 -21.70 -3.39 -9.20
C HIS A 3 -20.93 -4.15 -8.12
N HIS A 4 -21.44 -5.33 -7.78
CA HIS A 4 -20.80 -6.15 -6.75
C HIS A 4 -20.87 -7.63 -7.14
N HIS A 5 -20.19 -8.47 -6.35
CA HIS A 5 -20.19 -9.90 -6.61
C HIS A 5 -19.66 -10.19 -8.02
N HIS A 6 -18.42 -10.67 -8.10
CA HIS A 6 -17.81 -10.97 -9.39
C HIS A 6 -17.98 -12.45 -9.71
N HIS A 7 -17.48 -13.32 -8.85
CA HIS A 7 -17.58 -14.76 -9.06
C HIS A 7 -17.31 -15.51 -7.76
N SER A 8 -17.10 -16.82 -7.88
CA SER A 8 -16.83 -17.64 -6.71
C SER A 8 -15.33 -17.73 -6.45
N SER A 9 -14.93 -18.72 -5.66
CA SER A 9 -13.52 -18.90 -5.34
C SER A 9 -12.88 -19.92 -6.28
N GLY A 10 -11.57 -19.81 -6.46
CA GLY A 10 -10.85 -20.72 -7.34
C GLY A 10 -9.86 -19.97 -8.22
N LEU A 11 -9.57 -20.53 -9.39
CA LEU A 11 -8.64 -19.90 -10.32
C LEU A 11 -9.39 -19.11 -11.39
N VAL A 12 -9.44 -17.79 -11.21
CA VAL A 12 -10.13 -16.92 -12.15
C VAL A 12 -9.29 -15.70 -12.48
N PRO A 13 -8.21 -15.90 -13.20
CA PRO A 13 -7.29 -14.79 -13.60
C PRO A 13 -8.05 -13.59 -14.18
N ARG A 14 -8.32 -12.61 -13.32
CA ARG A 14 -9.03 -11.42 -13.75
C ARG A 14 -9.10 -10.40 -12.62
N GLY A 15 -8.00 -9.69 -12.40
CA GLY A 15 -7.95 -8.69 -11.34
C GLY A 15 -7.70 -9.33 -9.98
N SER A 16 -6.43 -9.48 -9.62
CA SER A 16 -6.07 -10.08 -8.35
C SER A 16 -5.99 -9.02 -7.26
N GLN A 17 -6.53 -7.83 -7.56
CA GLN A 17 -6.52 -6.73 -6.60
C GLN A 17 -7.03 -7.21 -5.24
N GLU A 18 -8.08 -8.02 -5.26
CA GLU A 18 -8.65 -8.53 -4.01
C GLU A 18 -7.56 -9.09 -3.11
N ILE A 19 -6.99 -10.24 -3.51
CA ILE A 19 -5.93 -10.86 -2.73
C ILE A 19 -4.94 -9.80 -2.25
N GLU A 20 -4.65 -8.84 -3.12
CA GLU A 20 -3.72 -7.78 -2.77
C GLU A 20 -4.31 -6.93 -1.65
N ALA A 21 -5.58 -6.58 -1.78
CA ALA A 21 -6.25 -5.78 -0.76
C ALA A 21 -6.02 -6.36 0.62
N LYS A 22 -6.31 -7.65 0.77
CA LYS A 22 -6.13 -8.32 2.05
C LYS A 22 -4.67 -8.25 2.51
N GLU A 23 -3.75 -8.39 1.56
CA GLU A 23 -2.33 -8.35 1.88
C GLU A 23 -1.92 -6.92 2.19
N ALA A 24 -2.10 -6.05 1.20
CA ALA A 24 -1.75 -4.65 1.37
C ALA A 24 -2.21 -4.14 2.73
N CYS A 25 -3.39 -4.57 3.15
CA CYS A 25 -3.95 -4.15 4.43
C CYS A 25 -3.39 -4.99 5.58
N ASP A 26 -3.27 -6.29 5.35
CA ASP A 26 -2.76 -7.20 6.38
C ASP A 26 -1.25 -7.12 6.47
N TRP A 27 -0.63 -6.43 5.51
CA TRP A 27 0.82 -6.29 5.51
C TRP A 27 1.23 -5.01 6.22
N LEU A 28 0.56 -3.91 5.93
CA LEU A 28 0.88 -2.64 6.56
C LEU A 28 0.93 -2.81 8.08
N ARG A 29 0.18 -3.78 8.59
CA ARG A 29 0.17 -4.03 10.04
C ARG A 29 1.34 -4.91 10.44
N ALA A 30 1.77 -5.77 9.52
CA ALA A 30 2.89 -6.67 9.79
C ALA A 30 4.21 -6.02 9.38
N ALA A 31 4.12 -4.84 8.77
CA ALA A 31 5.31 -4.13 8.33
C ALA A 31 5.65 -2.99 9.29
N GLY A 32 4.75 -2.70 10.22
CA GLY A 32 4.97 -1.64 11.19
C GLY A 32 4.11 -0.43 10.88
N PHE A 33 3.01 -0.66 10.15
CA PHE A 33 2.11 0.43 9.78
C PHE A 33 0.66 0.00 10.02
N PRO A 34 0.29 -0.24 11.25
CA PRO A 34 -1.10 -0.67 11.61
C PRO A 34 -2.10 0.47 11.53
N GLN A 35 -1.66 1.67 11.89
CA GLN A 35 -2.54 2.84 11.87
C GLN A 35 -2.90 3.21 10.43
N TYR A 36 -2.30 2.52 9.47
CA TYR A 36 -2.57 2.80 8.06
C TYR A 36 -3.78 2.00 7.59
N ALA A 37 -3.65 0.67 7.53
CA ALA A 37 -4.74 -0.18 7.09
C ALA A 37 -6.08 0.35 7.60
N GLN A 38 -6.08 0.79 8.86
CA GLN A 38 -7.29 1.34 9.45
C GLN A 38 -7.97 2.29 8.47
N LEU A 39 -7.18 3.12 7.82
CA LEU A 39 -7.70 4.07 6.85
C LEU A 39 -8.59 3.36 5.84
N TYR A 40 -8.24 2.12 5.51
CA TYR A 40 -9.03 1.35 4.56
C TYR A 40 -10.44 1.17 5.08
N GLU A 41 -10.56 0.48 6.20
CA GLU A 41 -11.87 0.25 6.82
C GLU A 41 -12.73 1.50 6.75
N ASP A 42 -12.13 2.66 7.04
CA ASP A 42 -12.86 3.92 7.02
C ASP A 42 -13.11 4.38 5.58
N SER A 43 -12.29 3.87 4.65
CA SER A 43 -12.43 4.24 3.25
C SER A 43 -11.75 5.57 2.96
N GLN A 44 -10.58 5.77 3.56
CA GLN A 44 -9.82 6.99 3.37
C GLN A 44 -8.44 6.66 2.82
N PHE A 45 -8.34 5.51 2.19
CA PHE A 45 -7.08 5.05 1.62
C PHE A 45 -6.58 5.95 0.50
N PRO A 46 -7.38 6.24 -0.50
CA PRO A 46 -6.90 7.10 -1.60
C PRO A 46 -6.57 8.51 -1.08
N ILE A 47 -5.28 8.85 -1.17
CA ILE A 47 -4.80 10.14 -0.71
C ILE A 47 -3.37 10.34 -1.19
N ASN A 48 -2.79 11.49 -0.87
CA ASN A 48 -1.41 11.78 -1.27
C ASN A 48 -0.47 10.71 -0.74
N ILE A 49 -0.22 9.69 -1.56
CA ILE A 49 0.68 8.61 -1.17
C ILE A 49 2.06 9.16 -0.85
N VAL A 50 2.25 10.43 -1.15
CA VAL A 50 3.53 11.09 -0.91
C VAL A 50 3.51 11.78 0.45
N ALA A 51 2.44 12.51 0.71
CA ALA A 51 2.31 13.25 1.96
C ALA A 51 2.41 12.32 3.17
N VAL A 52 1.91 11.09 3.01
CA VAL A 52 1.94 10.13 4.10
C VAL A 52 3.39 9.78 4.48
N LYS A 53 4.16 9.35 3.47
CA LYS A 53 5.55 8.98 3.71
C LYS A 53 6.23 9.98 4.64
N ASN A 54 5.83 11.24 4.53
CA ASN A 54 6.41 12.29 5.35
C ASN A 54 5.60 12.49 6.63
N ASP A 55 4.34 12.04 6.61
CA ASP A 55 3.47 12.17 7.76
C ASP A 55 3.94 11.29 8.91
N HIS A 56 3.83 9.98 8.73
CA HIS A 56 4.25 9.03 9.76
C HIS A 56 5.55 8.34 9.37
N ASP A 57 5.49 7.52 8.33
CA ASP A 57 6.67 6.79 7.86
C ASP A 57 7.20 5.86 8.95
N PHE A 58 6.56 5.89 10.11
CA PHE A 58 6.97 5.04 11.22
C PHE A 58 8.49 5.01 11.33
N LEU A 59 9.10 3.95 10.79
CA LEU A 59 10.54 3.81 10.83
C LEU A 59 11.05 3.07 9.60
N GLU A 60 12.36 2.98 9.46
CA GLU A 60 12.97 2.29 8.33
C GLU A 60 12.54 2.94 7.03
N LYS A 61 13.51 3.34 6.22
CA LYS A 61 13.22 3.98 4.94
C LYS A 61 12.81 2.93 3.91
N ASP A 62 13.39 1.74 4.03
CA ASP A 62 13.07 0.66 3.11
C ASP A 62 11.61 0.26 3.24
N LEU A 63 10.95 0.81 4.25
CA LEU A 63 9.54 0.51 4.48
C LEU A 63 8.66 1.56 3.81
N VAL A 64 9.29 2.64 3.35
CA VAL A 64 8.56 3.71 2.67
C VAL A 64 8.24 3.31 1.24
N GLU A 65 9.17 2.60 0.61
CA GLU A 65 8.97 2.16 -0.76
C GLU A 65 7.72 1.28 -0.86
N PRO A 66 7.72 0.13 -0.20
CA PRO A 66 6.55 -0.79 -0.22
C PRO A 66 5.27 -0.09 0.26
N LEU A 67 5.44 0.80 1.24
CA LEU A 67 4.30 1.53 1.77
C LEU A 67 3.55 2.22 0.64
N CYS A 68 4.30 2.69 -0.35
CA CYS A 68 3.71 3.37 -1.49
C CYS A 68 3.09 2.38 -2.47
N ARG A 69 3.52 1.11 -2.41
CA ARG A 69 2.98 0.09 -3.29
C ARG A 69 1.61 -0.37 -2.83
N ARG A 70 1.54 -0.88 -1.61
CA ARG A 70 0.27 -1.34 -1.06
C ARG A 70 -0.79 -0.25 -1.21
N LEU A 71 -0.55 0.90 -0.61
CA LEU A 71 -1.49 2.00 -0.70
C LEU A 71 -1.85 2.26 -2.16
N ASN A 72 -0.84 2.31 -3.01
CA ASN A 72 -1.07 2.53 -4.43
C ASN A 72 -1.97 1.44 -5.00
N THR A 73 -1.85 0.24 -4.44
CA THR A 73 -2.65 -0.89 -4.89
C THR A 73 -4.11 -0.71 -4.48
N LEU A 74 -4.35 -0.63 -3.17
CA LEU A 74 -5.70 -0.46 -2.66
C LEU A 74 -6.30 0.85 -3.16
N ASN A 75 -5.53 1.93 -3.05
CA ASN A 75 -6.00 3.24 -3.49
C ASN A 75 -6.64 3.11 -4.87
N LYS A 76 -6.28 2.05 -5.59
CA LYS A 76 -6.81 1.81 -6.92
C LYS A 76 -8.05 0.93 -6.86
N CYS A 77 -8.12 0.09 -5.82
CA CYS A 77 -9.25 -0.81 -5.64
C CYS A 77 -10.28 -0.19 -4.71
N ALA A 78 -9.89 0.88 -4.03
CA ALA A 78 -10.80 1.55 -3.11
C ALA A 78 -11.62 2.61 -3.84
N SER A 79 -11.12 3.05 -4.99
CA SER A 79 -11.81 4.05 -5.78
C SER A 79 -12.48 3.42 -6.99
N MET A 80 -11.73 2.58 -7.70
CA MET A 80 -12.27 1.91 -8.88
C MET A 80 -12.87 0.56 -8.51
N LYS A 81 -14.19 0.51 -8.44
CA LYS A 81 -14.88 -0.73 -8.08
C LYS A 81 -14.15 -1.44 -6.94
N MET A 1 30.46 -13.20 -5.83
CA MET A 1 29.96 -11.82 -6.05
C MET A 1 28.46 -11.88 -6.34
N HIS A 2 27.84 -13.02 -6.02
CA HIS A 2 26.42 -13.19 -6.24
C HIS A 2 25.62 -12.46 -5.17
N HIS A 3 26.13 -11.32 -4.73
CA HIS A 3 25.46 -10.53 -3.70
C HIS A 3 24.71 -9.36 -4.34
N HIS A 4 23.47 -9.17 -3.93
CA HIS A 4 22.65 -8.08 -4.46
C HIS A 4 21.87 -7.40 -3.35
N HIS A 5 22.36 -6.26 -2.88
CA HIS A 5 21.69 -5.53 -1.81
C HIS A 5 20.50 -4.75 -2.37
N HIS A 6 19.60 -4.34 -1.46
CA HIS A 6 18.42 -3.60 -1.87
C HIS A 6 18.81 -2.33 -2.64
N HIS A 7 18.40 -2.26 -3.91
CA HIS A 7 18.72 -1.11 -4.74
C HIS A 7 17.44 -0.34 -5.09
N SER A 8 16.45 -1.06 -5.62
CA SER A 8 15.19 -0.44 -5.99
C SER A 8 14.20 -1.48 -6.51
N SER A 9 12.92 -1.14 -6.51
CA SER A 9 11.90 -2.05 -6.99
C SER A 9 11.29 -1.54 -8.29
N GLY A 10 10.99 -2.47 -9.20
CA GLY A 10 10.41 -2.11 -10.49
C GLY A 10 8.90 -2.00 -10.39
N LEU A 11 8.22 -2.11 -11.53
CA LEU A 11 6.77 -2.01 -11.57
C LEU A 11 6.22 -2.58 -12.87
N VAL A 12 5.49 -3.69 -12.77
CA VAL A 12 4.91 -4.32 -13.95
C VAL A 12 3.44 -4.68 -13.69
N PRO A 13 2.65 -4.82 -14.73
CA PRO A 13 1.22 -5.18 -14.60
C PRO A 13 0.98 -6.19 -13.48
N ARG A 14 -0.26 -6.21 -12.96
CA ARG A 14 -0.61 -7.14 -11.89
C ARG A 14 -2.11 -7.18 -11.69
N GLY A 15 -2.72 -8.33 -11.96
CA GLY A 15 -4.16 -8.48 -11.81
C GLY A 15 -4.50 -9.10 -10.46
N SER A 16 -3.57 -8.99 -9.51
CA SER A 16 -3.79 -9.54 -8.18
C SER A 16 -4.28 -8.46 -7.22
N GLN A 17 -4.69 -7.32 -7.78
CA GLN A 17 -5.19 -6.22 -6.97
C GLN A 17 -6.08 -6.74 -5.84
N GLU A 18 -6.66 -7.92 -6.05
CA GLU A 18 -7.53 -8.51 -5.03
C GLU A 18 -6.70 -9.03 -3.86
N ILE A 19 -5.95 -10.10 -4.09
CA ILE A 19 -5.13 -10.69 -3.04
C ILE A 19 -4.15 -9.65 -2.51
N GLU A 20 -3.74 -8.73 -3.37
CA GLU A 20 -2.81 -7.68 -2.97
C GLU A 20 -3.48 -6.73 -1.99
N ALA A 21 -4.77 -6.50 -2.19
CA ALA A 21 -5.53 -5.61 -1.31
C ALA A 21 -5.57 -6.17 0.11
N LYS A 22 -6.18 -7.34 0.27
CA LYS A 22 -6.27 -7.96 1.58
C LYS A 22 -4.91 -8.00 2.27
N GLU A 23 -3.88 -8.30 1.49
CA GLU A 23 -2.53 -8.36 2.04
C GLU A 23 -2.05 -6.96 2.38
N ALA A 24 -2.17 -6.06 1.41
CA ALA A 24 -1.74 -4.68 1.60
C ALA A 24 -2.10 -4.19 2.99
N CYS A 25 -3.34 -4.42 3.41
CA CYS A 25 -3.79 -3.98 4.72
C CYS A 25 -3.27 -4.91 5.81
N ASP A 26 -3.22 -6.21 5.50
CA ASP A 26 -2.73 -7.19 6.46
C ASP A 26 -1.21 -7.11 6.58
N TRP A 27 -0.58 -6.42 5.64
CA TRP A 27 0.86 -6.26 5.64
C TRP A 27 1.26 -5.00 6.40
N LEU A 28 0.53 -3.92 6.15
CA LEU A 28 0.81 -2.66 6.82
C LEU A 28 0.96 -2.89 8.33
N ARG A 29 -0.11 -3.37 8.95
CA ARG A 29 -0.10 -3.62 10.39
C ARG A 29 1.03 -4.59 10.73
N ALA A 30 1.37 -5.47 9.80
CA ALA A 30 2.43 -6.43 10.01
C ALA A 30 3.79 -5.78 9.83
N ALA A 31 3.83 -4.73 9.00
CA ALA A 31 5.08 -4.01 8.75
C ALA A 31 5.42 -3.13 9.94
N GLY A 32 4.39 -2.64 10.63
CA GLY A 32 4.60 -1.79 11.80
C GLY A 32 3.81 -0.49 11.67
N PHE A 33 2.81 -0.49 10.79
CA PHE A 33 1.98 0.70 10.60
C PHE A 33 0.50 0.31 10.48
N PRO A 34 -0.11 -0.05 11.57
CA PRO A 34 -1.55 -0.45 11.59
C PRO A 34 -2.49 0.73 11.40
N GLN A 35 -1.96 1.95 11.53
CA GLN A 35 -2.77 3.15 11.36
C GLN A 35 -3.25 3.29 9.92
N TYR A 36 -2.48 2.75 8.99
CA TYR A 36 -2.84 2.84 7.58
C TYR A 36 -4.06 1.97 7.29
N ALA A 37 -3.86 0.65 7.36
CA ALA A 37 -4.94 -0.29 7.11
C ALA A 37 -6.25 0.21 7.72
N GLN A 38 -6.15 0.84 8.89
CA GLN A 38 -7.32 1.36 9.58
C GLN A 38 -8.16 2.20 8.62
N LEU A 39 -7.49 2.97 7.77
CA LEU A 39 -8.19 3.83 6.82
C LEU A 39 -9.04 3.00 5.85
N TYR A 40 -8.60 1.77 5.58
CA TYR A 40 -9.33 0.88 4.68
C TYR A 40 -10.77 0.71 5.15
N GLU A 41 -10.93 0.20 6.37
CA GLU A 41 -12.26 0.00 6.93
C GLU A 41 -13.14 1.20 6.65
N ASP A 42 -12.53 2.39 6.64
CA ASP A 42 -13.27 3.62 6.38
C ASP A 42 -13.39 3.86 4.88
N SER A 43 -12.47 3.31 4.12
CA SER A 43 -12.48 3.47 2.67
C SER A 43 -11.90 4.82 2.25
N GLN A 44 -11.06 5.39 3.13
CA GLN A 44 -10.44 6.68 2.84
C GLN A 44 -8.94 6.50 2.58
N PHE A 45 -8.60 5.37 1.97
CA PHE A 45 -7.20 5.09 1.65
C PHE A 45 -6.65 6.05 0.62
N PRO A 46 -7.40 6.38 -0.39
CA PRO A 46 -6.91 7.31 -1.43
C PRO A 46 -6.50 8.64 -0.81
N ILE A 47 -5.20 8.93 -0.92
CA ILE A 47 -4.65 10.17 -0.38
C ILE A 47 -3.30 10.46 -1.04
N ASN A 48 -2.67 11.56 -0.66
CA ASN A 48 -1.38 11.92 -1.22
C ASN A 48 -0.32 10.93 -0.77
N ILE A 49 -0.06 9.93 -1.58
CA ILE A 49 0.94 8.91 -1.25
C ILE A 49 2.29 9.56 -0.95
N VAL A 50 2.70 10.47 -1.81
CA VAL A 50 3.97 11.16 -1.63
C VAL A 50 4.09 11.74 -0.22
N ALA A 51 3.03 12.41 0.23
CA ALA A 51 3.04 13.05 1.54
C ALA A 51 2.95 12.04 2.68
N VAL A 52 1.81 11.37 2.80
CA VAL A 52 1.60 10.41 3.89
C VAL A 52 2.86 9.60 4.19
N LYS A 53 3.44 8.97 3.17
CA LYS A 53 4.63 8.16 3.37
C LYS A 53 5.78 9.01 3.89
N ASN A 54 5.97 10.18 3.28
CA ASN A 54 7.03 11.07 3.71
C ASN A 54 6.77 11.52 5.14
N ASP A 55 5.56 12.00 5.38
CA ASP A 55 5.18 12.46 6.70
C ASP A 55 5.14 11.30 7.69
N HIS A 56 4.24 10.36 7.46
CA HIS A 56 4.11 9.20 8.33
C HIS A 56 5.38 8.36 8.30
N ASP A 57 6.38 8.83 7.55
CA ASP A 57 7.64 8.11 7.43
C ASP A 57 8.04 7.52 8.76
N PHE A 58 8.36 6.24 8.75
CA PHE A 58 8.76 5.54 9.96
C PHE A 58 10.14 4.92 9.80
N LEU A 59 10.19 3.62 9.50
CA LEU A 59 11.46 2.93 9.32
C LEU A 59 12.26 3.56 8.19
N GLU A 60 13.39 2.94 7.86
CA GLU A 60 14.24 3.45 6.78
C GLU A 60 13.45 3.62 5.50
N LYS A 61 14.16 3.78 4.39
CA LYS A 61 13.51 3.96 3.09
C LYS A 61 13.19 2.61 2.46
N ASP A 62 13.65 1.54 3.10
CA ASP A 62 13.40 0.19 2.59
C ASP A 62 11.97 -0.25 2.92
N LEU A 63 11.48 0.20 4.07
CA LEU A 63 10.14 -0.17 4.50
C LEU A 63 9.13 0.89 4.05
N VAL A 64 9.63 1.94 3.41
CA VAL A 64 8.76 3.03 2.93
C VAL A 64 8.28 2.76 1.50
N GLU A 65 9.18 2.24 0.65
CA GLU A 65 8.81 1.98 -0.74
C GLU A 65 7.64 0.99 -0.81
N PRO A 66 7.72 -0.13 -0.13
CA PRO A 66 6.63 -1.14 -0.13
C PRO A 66 5.32 -0.52 0.35
N LEU A 67 5.42 0.37 1.33
CA LEU A 67 4.25 1.04 1.87
C LEU A 67 3.49 1.77 0.76
N CYS A 68 4.24 2.46 -0.09
CA CYS A 68 3.65 3.21 -1.19
C CYS A 68 2.97 2.25 -2.17
N ARG A 69 3.38 0.99 -2.12
CA ARG A 69 2.82 -0.03 -3.01
C ARG A 69 1.47 -0.51 -2.48
N ARG A 70 1.42 -0.81 -1.19
CA ARG A 70 0.18 -1.27 -0.57
C ARG A 70 -0.85 -0.15 -0.51
N LEU A 71 -0.38 1.09 -0.53
CA LEU A 71 -1.30 2.22 -0.49
C LEU A 71 -1.85 2.48 -1.88
N ASN A 72 -0.98 2.52 -2.87
CA ASN A 72 -1.40 2.76 -4.25
C ASN A 72 -2.38 1.67 -4.68
N THR A 73 -2.34 0.53 -3.99
CA THR A 73 -3.23 -0.57 -4.31
C THR A 73 -4.63 -0.29 -3.78
N LEU A 74 -4.74 -0.16 -2.46
CA LEU A 74 -6.03 0.12 -1.84
C LEU A 74 -6.63 1.39 -2.43
N ASN A 75 -5.80 2.41 -2.58
CA ASN A 75 -6.25 3.69 -3.13
C ASN A 75 -7.04 3.45 -4.42
N LYS A 76 -6.75 2.33 -5.08
CA LYS A 76 -7.42 1.99 -6.33
C LYS A 76 -8.64 1.11 -6.07
N CYS A 77 -8.51 0.19 -5.11
CA CYS A 77 -9.60 -0.71 -4.78
C CYS A 77 -10.56 -0.05 -3.79
N ALA A 78 -10.16 1.10 -3.25
CA ALA A 78 -10.99 1.83 -2.30
C ALA A 78 -12.12 2.55 -3.03
N SER A 79 -11.97 2.71 -4.35
CA SER A 79 -12.98 3.39 -5.14
C SER A 79 -14.08 2.42 -5.57
N MET A 80 -13.97 1.17 -5.11
CA MET A 80 -14.95 0.15 -5.47
C MET A 80 -15.06 0.00 -6.97
N LYS A 81 -15.54 -1.16 -7.42
CA LYS A 81 -15.68 -1.41 -8.85
C LYS A 81 -16.81 -0.55 -9.43
N MET A 1 9.64 -30.39 23.12
CA MET A 1 9.45 -29.21 24.02
C MET A 1 9.87 -27.94 23.29
N HIS A 2 11.18 -27.76 23.16
CA HIS A 2 11.72 -26.59 22.48
C HIS A 2 12.00 -26.89 21.02
N HIS A 3 11.21 -26.29 20.13
CA HIS A 3 11.39 -26.50 18.69
C HIS A 3 12.14 -25.35 18.06
N HIS A 4 11.64 -24.13 18.29
CA HIS A 4 12.27 -22.93 17.73
C HIS A 4 12.45 -23.08 16.22
N HIS A 5 11.52 -22.52 15.47
CA HIS A 5 11.59 -22.60 14.01
C HIS A 5 11.22 -21.24 13.40
N HIS A 6 11.37 -21.15 12.08
CA HIS A 6 11.04 -19.91 11.37
C HIS A 6 10.43 -20.21 10.00
N HIS A 7 9.30 -19.57 9.73
CA HIS A 7 8.63 -19.78 8.44
C HIS A 7 8.91 -18.63 7.49
N SER A 8 8.43 -18.75 6.26
CA SER A 8 8.65 -17.71 5.25
C SER A 8 7.76 -17.96 4.03
N SER A 9 7.74 -16.99 3.13
CA SER A 9 6.92 -17.11 1.92
C SER A 9 7.43 -16.17 0.83
N GLY A 10 6.89 -16.31 -0.37
CA GLY A 10 7.30 -15.47 -1.49
C GLY A 10 6.54 -15.85 -2.75
N LEU A 11 5.58 -15.00 -3.13
CA LEU A 11 4.78 -15.25 -4.33
C LEU A 11 4.72 -13.99 -5.20
N VAL A 12 4.67 -14.20 -6.51
CA VAL A 12 4.60 -13.09 -7.45
C VAL A 12 3.54 -13.33 -8.51
N PRO A 13 2.28 -13.35 -8.11
CA PRO A 13 1.15 -13.58 -9.04
C PRO A 13 0.80 -12.33 -9.84
N ARG A 14 0.19 -12.53 -11.01
CA ARG A 14 -0.20 -11.41 -11.86
C ARG A 14 -1.64 -11.02 -11.61
N GLY A 15 -2.01 -9.81 -12.03
CA GLY A 15 -3.37 -9.32 -11.84
C GLY A 15 -3.86 -9.63 -10.44
N SER A 16 -2.94 -9.67 -9.49
CA SER A 16 -3.30 -9.94 -8.10
C SER A 16 -3.75 -8.67 -7.39
N GLN A 17 -4.02 -7.63 -8.17
CA GLN A 17 -4.47 -6.36 -7.61
C GLN A 17 -5.48 -6.59 -6.50
N GLU A 18 -6.16 -7.72 -6.56
CA GLU A 18 -7.16 -8.07 -5.56
C GLU A 18 -6.49 -8.55 -4.27
N ILE A 19 -5.86 -9.72 -4.34
CA ILE A 19 -5.18 -10.27 -3.18
C ILE A 19 -4.22 -9.24 -2.59
N GLU A 20 -3.94 -8.20 -3.36
CA GLU A 20 -3.04 -7.15 -2.89
C GLU A 20 -3.73 -6.29 -1.84
N ALA A 21 -5.05 -6.19 -1.93
CA ALA A 21 -5.81 -5.41 -0.98
C ALA A 21 -5.76 -6.04 0.40
N LYS A 22 -6.34 -7.22 0.53
CA LYS A 22 -6.35 -7.91 1.81
C LYS A 22 -4.95 -7.96 2.40
N GLU A 23 -3.95 -8.18 1.56
CA GLU A 23 -2.57 -8.23 2.04
C GLU A 23 -2.10 -6.84 2.39
N ALA A 24 -2.26 -5.91 1.43
CA ALA A 24 -1.84 -4.54 1.63
C ALA A 24 -2.13 -4.08 3.06
N CYS A 25 -3.34 -4.34 3.53
CA CYS A 25 -3.73 -3.95 4.88
C CYS A 25 -3.12 -4.90 5.91
N ASP A 26 -3.03 -6.18 5.57
CA ASP A 26 -2.45 -7.16 6.48
C ASP A 26 -0.94 -7.02 6.55
N TRP A 27 -0.38 -6.28 5.59
CA TRP A 27 1.06 -6.07 5.54
C TRP A 27 1.42 -4.77 6.25
N LEU A 28 0.64 -3.73 6.00
CA LEU A 28 0.89 -2.44 6.64
C LEU A 28 0.98 -2.59 8.16
N ARG A 29 0.20 -3.53 8.69
CA ARG A 29 0.19 -3.78 10.13
C ARG A 29 1.40 -4.63 10.52
N ALA A 30 1.84 -5.48 9.60
CA ALA A 30 2.99 -6.34 9.85
C ALA A 30 4.28 -5.57 9.63
N ALA A 31 4.22 -4.54 8.80
CA ALA A 31 5.40 -3.74 8.50
C ALA A 31 5.66 -2.74 9.64
N GLY A 32 4.66 -2.56 10.50
CA GLY A 32 4.79 -1.64 11.63
C GLY A 32 3.91 -0.42 11.43
N PHE A 33 2.76 -0.62 10.78
CA PHE A 33 1.84 0.48 10.53
C PHE A 33 0.39 -0.02 10.51
N PRO A 34 -0.11 -0.43 11.65
CA PRO A 34 -1.49 -0.95 11.77
C PRO A 34 -2.53 0.18 11.84
N GLN A 35 -2.05 1.42 11.80
CA GLN A 35 -2.96 2.57 11.87
C GLN A 35 -3.44 2.94 10.47
N TYR A 36 -2.83 2.35 9.45
CA TYR A 36 -3.21 2.64 8.08
C TYR A 36 -4.42 1.79 7.68
N ALA A 37 -4.22 0.49 7.62
CA ALA A 37 -5.29 -0.45 7.26
C ALA A 37 -6.62 0.02 7.87
N GLN A 38 -6.55 0.61 9.05
CA GLN A 38 -7.75 1.08 9.72
C GLN A 38 -8.55 2.00 8.79
N LEU A 39 -7.84 2.86 8.06
CA LEU A 39 -8.49 3.78 7.15
C LEU A 39 -9.35 3.03 6.13
N TYR A 40 -8.85 1.88 5.67
CA TYR A 40 -9.59 1.08 4.69
C TYR A 40 -11.06 0.96 5.08
N GLU A 41 -11.30 0.50 6.30
CA GLU A 41 -12.66 0.34 6.79
C GLU A 41 -13.50 1.57 6.45
N ASP A 42 -12.85 2.72 6.38
CA ASP A 42 -13.55 3.97 6.05
C ASP A 42 -13.47 4.25 4.56
N SER A 43 -12.52 3.61 3.89
CA SER A 43 -12.34 3.80 2.45
C SER A 43 -11.59 5.10 2.17
N GLN A 44 -10.97 5.66 3.22
CA GLN A 44 -10.21 6.89 3.07
C GLN A 44 -8.76 6.60 2.73
N PHE A 45 -8.54 5.44 2.11
CA PHE A 45 -7.19 5.03 1.74
C PHE A 45 -6.63 5.92 0.65
N PRO A 46 -7.43 6.30 -0.32
CA PRO A 46 -6.93 7.18 -1.41
C PRO A 46 -6.61 8.58 -0.90
N ILE A 47 -5.33 8.92 -0.96
CA ILE A 47 -4.85 10.23 -0.52
C ILE A 47 -3.45 10.47 -1.07
N ASN A 48 -2.89 11.63 -0.78
CA ASN A 48 -1.54 11.95 -1.26
C ASN A 48 -0.55 10.89 -0.78
N ILE A 49 -0.27 9.91 -1.64
CA ILE A 49 0.66 8.84 -1.28
C ILE A 49 2.08 9.38 -1.14
N VAL A 50 2.43 10.33 -2.00
CA VAL A 50 3.77 10.91 -2.00
C VAL A 50 4.07 11.62 -0.68
N ALA A 51 3.16 12.45 -0.20
CA ALA A 51 3.39 13.21 1.02
C ALA A 51 3.26 12.30 2.23
N VAL A 52 2.41 11.31 2.08
CA VAL A 52 2.16 10.36 3.14
C VAL A 52 3.47 9.81 3.70
N LYS A 53 4.26 9.16 2.86
CA LYS A 53 5.53 8.60 3.30
C LYS A 53 6.33 9.64 4.07
N ASN A 54 6.07 10.91 3.79
CA ASN A 54 6.78 11.99 4.47
C ASN A 54 5.98 12.46 5.69
N ASP A 55 4.71 12.08 5.73
CA ASP A 55 3.84 12.46 6.85
C ASP A 55 3.77 11.34 7.87
N HIS A 56 3.18 10.21 7.47
CA HIS A 56 3.04 9.07 8.37
C HIS A 56 4.40 8.71 8.97
N ASP A 57 5.45 9.33 8.46
CA ASP A 57 6.79 9.07 8.97
C ASP A 57 7.11 7.59 8.91
N PHE A 58 7.58 7.13 7.75
CA PHE A 58 7.91 5.72 7.58
C PHE A 58 8.92 5.29 8.64
N LEU A 59 8.90 4.00 8.97
CA LEU A 59 9.82 3.46 9.97
C LEU A 59 11.20 3.27 9.37
N GLU A 60 11.31 2.32 8.44
CA GLU A 60 12.59 2.03 7.79
C GLU A 60 12.53 2.43 6.33
N LYS A 61 13.67 2.87 5.79
CA LYS A 61 13.72 3.28 4.38
C LYS A 61 13.12 2.20 3.50
N ASP A 62 13.54 0.97 3.69
CA ASP A 62 13.03 -0.14 2.89
C ASP A 62 11.54 -0.33 3.15
N LEU A 63 11.01 0.46 4.09
CA LEU A 63 9.60 0.37 4.43
C LEU A 63 8.81 1.47 3.74
N VAL A 64 9.49 2.27 2.94
CA VAL A 64 8.84 3.37 2.22
C VAL A 64 8.31 2.87 0.87
N GLU A 65 9.15 2.12 0.17
CA GLU A 65 8.76 1.59 -1.13
C GLU A 65 7.48 0.74 -1.03
N PRO A 66 7.53 -0.35 -0.31
CA PRO A 66 6.35 -1.25 -0.14
C PRO A 66 5.13 -0.50 0.40
N LEU A 67 5.37 0.42 1.33
CA LEU A 67 4.27 1.19 1.92
C LEU A 67 3.53 1.97 0.84
N CYS A 68 4.29 2.65 -0.02
CA CYS A 68 3.69 3.42 -1.11
C CYS A 68 3.15 2.50 -2.19
N ARG A 69 3.60 1.25 -2.18
CA ARG A 69 3.16 0.27 -3.16
C ARG A 69 1.80 -0.30 -2.78
N ARG A 70 1.69 -0.74 -1.53
CA ARG A 70 0.43 -1.31 -1.06
C ARG A 70 -0.67 -0.25 -1.03
N LEU A 71 -0.39 0.88 -0.38
CA LEU A 71 -1.37 1.95 -0.30
C LEU A 71 -1.94 2.25 -1.69
N ASN A 72 -1.06 2.28 -2.68
CA ASN A 72 -1.48 2.54 -4.05
C ASN A 72 -2.55 1.55 -4.47
N THR A 73 -2.34 0.28 -4.13
CA THR A 73 -3.31 -0.76 -4.48
C THR A 73 -4.65 -0.49 -3.83
N LEU A 74 -4.67 -0.50 -2.49
CA LEU A 74 -5.90 -0.25 -1.76
C LEU A 74 -6.55 1.05 -2.23
N ASN A 75 -5.71 2.08 -2.40
CA ASN A 75 -6.21 3.37 -2.85
C ASN A 75 -7.08 3.22 -4.09
N LYS A 76 -6.83 2.15 -4.85
CA LYS A 76 -7.58 1.89 -6.07
C LYS A 76 -8.75 0.96 -5.77
N CYS A 77 -8.57 0.05 -4.82
CA CYS A 77 -9.61 -0.89 -4.46
C CYS A 77 -10.52 -0.30 -3.38
N ALA A 78 -10.12 0.86 -2.86
CA ALA A 78 -10.91 1.52 -1.82
C ALA A 78 -12.25 1.97 -2.38
N SER A 79 -12.33 2.07 -3.71
CA SER A 79 -13.57 2.49 -4.36
C SER A 79 -14.61 1.36 -4.33
N MET A 80 -14.15 0.15 -4.04
CA MET A 80 -15.04 -1.00 -3.99
C MET A 80 -15.94 -1.04 -5.22
N LYS A 81 -17.24 -1.20 -5.01
CA LYS A 81 -18.19 -1.25 -6.12
C LYS A 81 -18.14 0.05 -6.93
N MET A 1 34.67 -4.48 -7.27
CA MET A 1 34.51 -5.10 -8.62
C MET A 1 33.27 -4.55 -9.29
N HIS A 2 32.12 -4.68 -8.61
CA HIS A 2 30.87 -4.19 -9.16
C HIS A 2 30.04 -3.51 -8.07
N HIS A 3 28.76 -3.34 -8.33
CA HIS A 3 27.86 -2.71 -7.37
C HIS A 3 26.42 -3.14 -7.60
N HIS A 4 25.96 -4.09 -6.79
CA HIS A 4 24.58 -4.57 -6.93
C HIS A 4 23.62 -3.67 -6.17
N HIS A 5 22.40 -4.15 -5.98
CA HIS A 5 21.38 -3.38 -5.28
C HIS A 5 21.29 -1.97 -5.84
N HIS A 6 20.52 -1.81 -6.91
CA HIS A 6 20.35 -0.52 -7.54
C HIS A 6 19.07 0.16 -7.06
N HIS A 7 18.18 -0.63 -6.46
CA HIS A 7 16.92 -0.09 -5.96
C HIS A 7 16.07 0.44 -7.11
N SER A 8 16.18 -0.20 -8.27
CA SER A 8 15.42 0.23 -9.44
C SER A 8 13.92 0.18 -9.15
N SER A 9 13.23 1.26 -9.51
CA SER A 9 11.79 1.35 -9.28
C SER A 9 11.04 1.33 -10.60
N GLY A 10 10.09 0.41 -10.74
CA GLY A 10 9.31 0.30 -11.96
C GLY A 10 8.40 -0.93 -11.91
N LEU A 11 7.64 -1.05 -10.84
CA LEU A 11 6.73 -2.18 -10.69
C LEU A 11 5.31 -1.79 -11.06
N VAL A 12 4.79 -2.40 -12.12
CA VAL A 12 3.44 -2.11 -12.59
C VAL A 12 2.67 -3.40 -12.88
N PRO A 13 2.39 -4.18 -11.88
CA PRO A 13 1.66 -5.46 -12.02
C PRO A 13 0.15 -5.24 -12.17
N ARG A 14 -0.54 -6.26 -12.66
CA ARG A 14 -1.99 -6.18 -12.84
C ARG A 14 -2.63 -7.56 -12.70
N GLY A 15 -3.88 -7.58 -12.26
CA GLY A 15 -4.60 -8.83 -12.08
C GLY A 15 -4.57 -9.27 -10.62
N SER A 16 -3.39 -9.24 -10.02
CA SER A 16 -3.25 -9.63 -8.62
C SER A 16 -3.54 -8.45 -7.69
N GLN A 17 -3.97 -7.34 -8.27
CA GLN A 17 -4.28 -6.15 -7.50
C GLN A 17 -5.21 -6.51 -6.34
N GLU A 18 -5.90 -7.64 -6.46
CA GLU A 18 -6.82 -8.08 -5.43
C GLU A 18 -6.05 -8.57 -4.21
N ILE A 19 -5.31 -9.66 -4.37
CA ILE A 19 -4.54 -10.23 -3.28
C ILE A 19 -3.73 -9.13 -2.60
N GLU A 20 -3.40 -8.08 -3.36
CA GLU A 20 -2.63 -6.97 -2.82
C GLU A 20 -3.44 -6.23 -1.75
N ALA A 21 -4.76 -6.23 -1.92
CA ALA A 21 -5.63 -5.56 -0.97
C ALA A 21 -5.63 -6.29 0.37
N LYS A 22 -6.13 -7.52 0.38
CA LYS A 22 -6.16 -8.29 1.62
C LYS A 22 -4.78 -8.30 2.28
N GLU A 23 -3.74 -8.34 1.46
CA GLU A 23 -2.38 -8.34 1.99
C GLU A 23 -2.05 -6.95 2.51
N ALA A 24 -2.23 -5.96 1.65
CA ALA A 24 -1.96 -4.57 2.00
C ALA A 24 -2.36 -4.29 3.44
N CYS A 25 -3.60 -4.63 3.79
CA CYS A 25 -4.08 -4.40 5.14
C CYS A 25 -3.47 -5.37 6.14
N ASP A 26 -3.23 -6.60 5.69
CA ASP A 26 -2.64 -7.61 6.57
C ASP A 26 -1.13 -7.41 6.68
N TRP A 27 -0.59 -6.58 5.80
CA TRP A 27 0.84 -6.30 5.81
C TRP A 27 1.13 -5.04 6.63
N LEU A 28 0.43 -3.95 6.30
CA LEU A 28 0.62 -2.71 7.03
C LEU A 28 0.66 -2.97 8.53
N ARG A 29 0.02 -4.05 8.95
CA ARG A 29 -0.02 -4.44 10.35
C ARG A 29 1.29 -5.10 10.76
N ALA A 30 1.89 -5.83 9.83
CA ALA A 30 3.15 -6.52 10.11
C ALA A 30 4.32 -5.62 9.79
N ALA A 31 4.04 -4.44 9.24
CA ALA A 31 5.09 -3.49 8.90
C ALA A 31 5.34 -2.52 10.04
N GLY A 32 4.41 -2.50 11.01
CA GLY A 32 4.55 -1.62 12.16
C GLY A 32 3.74 -0.34 11.96
N PHE A 33 2.87 -0.35 10.95
CA PHE A 33 2.04 0.81 10.66
C PHE A 33 0.60 0.39 10.38
N PRO A 34 -0.11 0.00 11.40
CA PRO A 34 -1.53 -0.45 11.27
C PRO A 34 -2.49 0.73 11.18
N GLN A 35 -1.97 1.93 11.38
CA GLN A 35 -2.80 3.13 11.33
C GLN A 35 -3.36 3.32 9.92
N TYR A 36 -2.76 2.64 8.94
CA TYR A 36 -3.21 2.76 7.56
C TYR A 36 -4.46 1.92 7.34
N ALA A 37 -4.32 0.60 7.42
CA ALA A 37 -5.43 -0.32 7.23
C ALA A 37 -6.71 0.26 7.80
N GLN A 38 -6.60 0.91 8.94
CA GLN A 38 -7.75 1.52 9.60
C GLN A 38 -8.54 2.36 8.60
N LEU A 39 -7.84 3.12 7.77
CA LEU A 39 -8.48 3.97 6.78
C LEU A 39 -9.35 3.14 5.84
N TYR A 40 -8.97 1.89 5.62
CA TYR A 40 -9.72 1.01 4.73
C TYR A 40 -11.18 0.94 5.18
N GLU A 41 -11.40 0.49 6.41
CA GLU A 41 -12.74 0.38 6.95
C GLU A 41 -13.57 1.60 6.56
N ASP A 42 -12.93 2.76 6.54
CA ASP A 42 -13.62 4.00 6.18
C ASP A 42 -13.58 4.21 4.67
N SER A 43 -12.60 3.59 4.01
CA SER A 43 -12.46 3.72 2.57
C SER A 43 -11.79 5.05 2.21
N GLN A 44 -11.07 5.62 3.17
CA GLN A 44 -10.38 6.89 2.94
C GLN A 44 -8.90 6.65 2.64
N PHE A 45 -8.61 5.49 2.07
CA PHE A 45 -7.23 5.15 1.73
C PHE A 45 -6.67 6.08 0.66
N PRO A 46 -7.46 6.42 -0.32
CA PRO A 46 -6.98 7.32 -1.39
C PRO A 46 -6.66 8.72 -0.85
N ILE A 47 -5.39 9.06 -0.91
CA ILE A 47 -4.90 10.36 -0.46
C ILE A 47 -3.45 10.55 -0.89
N ASN A 48 -2.87 11.70 -0.57
CA ASN A 48 -1.49 11.96 -0.92
C ASN A 48 -0.58 10.84 -0.41
N ILE A 49 -0.30 9.87 -1.29
CA ILE A 49 0.54 8.74 -0.91
C ILE A 49 1.97 9.18 -0.63
N VAL A 50 2.58 9.83 -1.62
CA VAL A 50 3.96 10.29 -1.49
C VAL A 50 4.20 11.04 -0.19
N ALA A 51 3.27 11.93 0.18
CA ALA A 51 3.43 12.72 1.39
C ALA A 51 3.18 11.87 2.63
N VAL A 52 2.46 10.80 2.44
CA VAL A 52 2.14 9.90 3.54
C VAL A 52 3.39 9.13 3.95
N LYS A 53 4.07 8.53 2.99
CA LYS A 53 5.28 7.77 3.27
C LYS A 53 6.31 8.63 4.00
N ASN A 54 6.29 9.92 3.70
CA ASN A 54 7.23 10.85 4.32
C ASN A 54 6.64 11.43 5.60
N ASP A 55 5.39 11.87 5.52
CA ASP A 55 4.72 12.46 6.68
C ASP A 55 4.53 11.42 7.79
N HIS A 56 3.69 10.43 7.54
CA HIS A 56 3.41 9.39 8.53
C HIS A 56 4.66 8.58 8.86
N ASP A 57 5.06 7.71 7.93
CA ASP A 57 6.24 6.87 8.15
C ASP A 57 7.53 7.67 8.15
N PHE A 58 7.47 8.88 8.70
CA PHE A 58 8.66 9.75 8.76
C PHE A 58 9.52 9.60 7.51
N LEU A 59 10.44 8.64 7.55
CA LEU A 59 11.32 8.40 6.40
C LEU A 59 11.97 7.02 6.51
N GLU A 60 11.58 6.14 5.60
CA GLU A 60 12.13 4.79 5.58
C GLU A 60 12.26 4.27 4.16
N LYS A 61 13.11 4.92 3.37
CA LYS A 61 13.33 4.55 1.98
C LYS A 61 13.24 3.04 1.79
N ASP A 62 13.52 2.29 2.85
CA ASP A 62 13.45 0.83 2.78
C ASP A 62 12.04 0.34 3.04
N LEU A 63 11.44 0.83 4.12
CA LEU A 63 10.08 0.44 4.48
C LEU A 63 9.06 1.32 3.77
N VAL A 64 9.54 2.28 2.99
CA VAL A 64 8.66 3.17 2.26
C VAL A 64 8.32 2.60 0.90
N GLU A 65 9.24 1.81 0.34
CA GLU A 65 9.01 1.20 -0.96
C GLU A 65 7.75 0.33 -0.95
N PRO A 66 7.72 -0.72 -0.17
CA PRO A 66 6.53 -1.62 -0.09
C PRO A 66 5.28 -0.88 0.39
N LEU A 67 5.47 0.03 1.34
CA LEU A 67 4.37 0.80 1.87
C LEU A 67 3.62 1.53 0.76
N CYS A 68 4.36 2.17 -0.13
CA CYS A 68 3.75 2.90 -1.24
C CYS A 68 3.01 1.94 -2.16
N ARG A 69 3.43 0.68 -2.16
CA ARG A 69 2.81 -0.32 -3.00
C ARG A 69 1.41 -0.66 -2.49
N ARG A 70 1.29 -0.85 -1.19
CA ARG A 70 0.01 -1.18 -0.58
C ARG A 70 -0.98 -0.04 -0.74
N LEU A 71 -0.68 1.08 -0.10
CA LEU A 71 -1.57 2.24 -0.19
C LEU A 71 -2.00 2.46 -1.62
N ASN A 72 -1.05 2.43 -2.55
CA ASN A 72 -1.34 2.62 -3.96
C ASN A 72 -2.40 1.61 -4.42
N THR A 73 -2.37 0.42 -3.82
CA THR A 73 -3.33 -0.62 -4.17
C THR A 73 -4.73 -0.25 -3.67
N LEU A 74 -4.86 -0.15 -2.35
CA LEU A 74 -6.14 0.20 -1.76
C LEU A 74 -6.67 1.50 -2.35
N ASN A 75 -5.84 2.54 -2.35
CA ASN A 75 -6.24 3.82 -2.90
C ASN A 75 -7.01 3.63 -4.20
N LYS A 76 -6.74 2.51 -4.88
CA LYS A 76 -7.40 2.22 -6.14
C LYS A 76 -8.64 1.35 -5.93
N CYS A 77 -8.53 0.40 -4.99
CA CYS A 77 -9.65 -0.49 -4.70
C CYS A 77 -10.63 0.15 -3.73
N ALA A 78 -10.24 1.27 -3.14
CA ALA A 78 -11.10 1.97 -2.21
C ALA A 78 -12.18 2.76 -2.95
N SER A 79 -12.13 2.72 -4.28
CA SER A 79 -13.11 3.42 -5.09
C SER A 79 -14.41 2.64 -5.19
N MET A 80 -14.28 1.32 -5.27
CA MET A 80 -15.46 0.46 -5.36
C MET A 80 -16.48 1.05 -6.33
N LYS A 81 -16.24 0.86 -7.62
CA LYS A 81 -17.15 1.38 -8.63
C LYS A 81 -18.39 0.51 -8.74
#